data_8GRD
#
_entry.id   8GRD
#
_cell.length_a   165.897
_cell.length_b   165.897
_cell.length_c   129.583
_cell.angle_alpha   90.000
_cell.angle_beta   90.000
_cell.angle_gamma   90.000
#
_symmetry.space_group_name_H-M   'I 4 2 2'
#
loop_
_entity.id
_entity.type
_entity.pdbx_description
1 polymer 'Isocitrate dehydrogenase [NAD] subunit alpha, mitochondrial'
2 polymer 'Isoform A of Isocitrate dehydrogenase [NAD] subunit beta, mitochondrial'
3 non-polymer 'MAGNESIUM ION'
4 non-polymer "ADENOSINE-5'-DIPHOSPHATE"
5 water water
#
loop_
_entity_poly.entity_id
_entity_poly.type
_entity_poly.pdbx_seq_one_letter_code
_entity_poly.pdbx_strand_id
1 'polypeptide(L)'
;TGGVQTVTLIPGDGIGPEISAAVMKIFDAAKAPIQWEERNVTAIQGPGGKWMIPSEAKESMDKNKMGLKGPLKTPIAAGH
PSMNLLLRKTFDLYANVRPCVSIEGYKTPYTDVNIVTIRENTEGEYSGIEHVIVDGVVASIKLITEGASKRIAEFAFEYA
RNNHRSNVTAVHKANIMRMSDGLFLQKCREVAESCKDIKFNEMYLDTVCLNMVQDPSQFDVLVMPNLYGDILSDLCAGLI
GGLGVTPSGNIGANGVAIFESVHGTAPDIAGKDMANPTALLLSAVMMLRHMGLFDHAARIEAACFATIKDGKSLTKDLGG
NAKCSDFTEEICRRVKDLD
;
A
2 'polypeptide(L)'
;ASRSQAEDVRVEGSFPVTMLPGDGVGPELMHAVKEVFKAAAVPVEFQEHHLSEVQNMASEEKLEQVLSSMKENKVAIIGK
IHTPMEYKGELASYDMRLRRKLDLFANVVHVKSLPGYMTRHNNLDLVIIREQTEGEYSSLEHESARGVIECLKIVTRAKS
QRIAKFAFDYATKKGRGKVTAVHKANIMKLGDGLFLQCCEEVAELYPKIKFETMIIDNCCMQLVQNPYQFDVLVMPNLYG
NIIDNLAAGLVGGAGVVPGESYSAEYAVFETGARHPFAQAVGRNIANPTAMLLSASNMLRHLNLEYHSSMIADAVKKVIK
VGKVRTSDMGGYATCHDFTEEICRRVKDLDEN
;
B
#
loop_
_chem_comp.id
_chem_comp.type
_chem_comp.name
_chem_comp.formula
ADP non-polymer ADENOSINE-5'-DIPHOSPHATE 'C10 H15 N5 O10 P2'
MG non-polymer 'MAGNESIUM ION' 'Mg 2'
#
# COMPACT_ATOMS: atom_id res chain seq x y z
N VAL A 4 -32.50 -25.74 -10.59
CA VAL A 4 -31.45 -26.20 -9.67
C VAL A 4 -30.09 -26.32 -10.33
N GLN A 5 -29.05 -25.71 -9.75
CA GLN A 5 -27.75 -25.59 -10.40
C GLN A 5 -26.61 -26.10 -9.53
N THR A 6 -25.52 -26.50 -10.18
CA THR A 6 -24.40 -27.16 -9.53
C THR A 6 -23.19 -26.24 -9.47
N VAL A 7 -22.54 -26.20 -8.31
CA VAL A 7 -21.38 -25.36 -8.06
C VAL A 7 -20.22 -26.24 -7.63
N THR A 8 -19.04 -25.97 -8.17
CA THR A 8 -17.85 -26.70 -7.72
C THR A 8 -17.36 -26.11 -6.40
N LEU A 9 -17.23 -26.97 -5.41
CA LEU A 9 -16.88 -26.56 -4.06
C LEU A 9 -15.55 -27.21 -3.70
N ILE A 10 -14.58 -26.38 -3.34
CA ILE A 10 -13.26 -26.83 -2.92
C ILE A 10 -13.08 -26.46 -1.45
N PRO A 11 -13.38 -27.36 -0.50
CA PRO A 11 -13.43 -26.93 0.91
C PRO A 11 -12.11 -26.38 1.41
N GLY A 12 -10.99 -26.98 1.01
CA GLY A 12 -9.70 -26.47 1.41
C GLY A 12 -9.20 -27.08 2.70
N ASP A 13 -8.38 -26.33 3.44
CA ASP A 13 -7.63 -26.84 4.57
C ASP A 13 -7.93 -26.03 5.83
N GLY A 14 -7.64 -26.64 6.98
CA GLY A 14 -7.93 -26.02 8.26
C GLY A 14 -9.39 -25.76 8.49
N ILE A 15 -9.76 -24.49 8.72
CA ILE A 15 -11.17 -24.16 8.89
C ILE A 15 -11.99 -24.32 7.62
N GLY A 16 -11.35 -24.65 6.49
CA GLY A 16 -12.04 -24.69 5.22
C GLY A 16 -13.32 -25.52 5.21
N PRO A 17 -13.19 -26.80 5.54
CA PRO A 17 -14.39 -27.65 5.66
C PRO A 17 -15.47 -27.02 6.52
N GLU A 18 -15.11 -26.54 7.71
CA GLU A 18 -16.12 -25.99 8.61
C GLU A 18 -16.83 -24.82 7.99
N ILE A 19 -16.07 -23.88 7.40
CA ILE A 19 -16.76 -22.73 6.85
C ILE A 19 -17.45 -23.08 5.54
N SER A 20 -16.95 -24.05 4.78
CA SER A 20 -17.71 -24.49 3.62
C SER A 20 -19.04 -25.07 4.05
N ALA A 21 -19.01 -25.98 5.03
CA ALA A 21 -20.25 -26.60 5.52
C ALA A 21 -21.20 -25.55 6.06
N ALA A 22 -20.66 -24.52 6.73
CA ALA A 22 -21.50 -23.43 7.21
C ALA A 22 -22.19 -22.71 6.06
N VAL A 23 -21.47 -22.48 4.96
CA VAL A 23 -22.10 -21.83 3.81
C VAL A 23 -23.13 -22.76 3.19
N MET A 24 -22.85 -24.06 3.17
CA MET A 24 -23.81 -25.02 2.65
C MET A 24 -25.12 -24.96 3.45
N LYS A 25 -25.02 -24.99 4.79
CA LYS A 25 -26.23 -24.98 5.62
C LYS A 25 -27.01 -23.69 5.43
N ILE A 26 -26.32 -22.56 5.28
CA ILE A 26 -27.03 -21.30 5.08
C ILE A 26 -27.75 -21.31 3.73
N PHE A 27 -27.10 -21.81 2.68
CA PHE A 27 -27.74 -21.85 1.37
C PHE A 27 -28.99 -22.73 1.39
N ASP A 28 -28.90 -23.88 2.05
CA ASP A 28 -30.03 -24.79 2.11
C ASP A 28 -31.17 -24.18 2.92
N ALA A 29 -30.84 -23.60 4.07
CA ALA A 29 -31.85 -22.91 4.87
C ALA A 29 -32.56 -21.85 4.03
N ALA A 30 -31.80 -21.07 3.30
CA ALA A 30 -32.39 -20.04 2.44
C ALA A 30 -33.12 -20.64 1.19
N LYS A 31 -33.22 -21.97 1.09
CA LYS A 31 -33.78 -22.67 -0.07
C LYS A 31 -33.13 -22.20 -1.39
N ALA A 32 -31.81 -22.02 -1.36
CA ALA A 32 -31.08 -21.65 -2.57
C ALA A 32 -31.06 -22.84 -3.53
N PRO A 33 -31.31 -22.64 -4.80
CA PRO A 33 -31.31 -23.75 -5.77
C PRO A 33 -29.91 -24.19 -6.19
N ILE A 34 -29.07 -24.47 -5.20
CA ILE A 34 -27.66 -24.75 -5.42
C ILE A 34 -27.33 -26.12 -4.86
N GLN A 35 -26.75 -26.98 -5.70
CA GLN A 35 -26.13 -28.23 -5.27
C GLN A 35 -24.60 -28.07 -5.36
N TRP A 36 -23.87 -28.89 -4.60
CA TRP A 36 -22.43 -28.76 -4.47
C TRP A 36 -21.73 -30.03 -4.96
N GLU A 37 -20.67 -29.83 -5.78
CA GLU A 37 -19.77 -30.91 -6.23
C GLU A 37 -18.44 -30.68 -5.52
N GLU A 38 -18.15 -31.50 -4.51
CA GLU A 38 -16.94 -31.31 -3.73
C GLU A 38 -15.73 -31.82 -4.50
N ARG A 39 -14.64 -31.05 -4.48
CA ARG A 39 -13.46 -31.38 -5.27
C ARG A 39 -12.21 -30.96 -4.54
N ASN A 40 -11.12 -31.65 -4.82
CA ASN A 40 -9.82 -31.44 -4.19
C ASN A 40 -8.81 -31.06 -5.27
N VAL A 41 -8.06 -29.99 -5.05
CA VAL A 41 -7.18 -29.45 -6.08
C VAL A 41 -5.70 -29.60 -5.71
N THR A 42 -5.33 -30.55 -4.86
CA THR A 42 -3.91 -30.68 -4.55
C THR A 42 -3.17 -31.24 -5.77
N ALA A 43 -2.10 -30.56 -6.18
CA ALA A 43 -1.57 -30.75 -7.52
C ALA A 43 -0.85 -32.08 -7.71
N ILE A 44 -1.05 -32.68 -8.88
CA ILE A 44 -0.31 -33.84 -9.34
C ILE A 44 0.61 -33.39 -10.48
N GLN A 45 1.53 -34.26 -10.89
CA GLN A 45 2.36 -33.94 -12.04
C GLN A 45 2.35 -35.07 -13.06
N GLY A 46 2.69 -34.71 -14.32
CA GLY A 46 2.69 -35.66 -15.43
C GLY A 46 3.99 -35.76 -16.19
N TRP A 51 3.01 -29.92 -13.75
CA TRP A 51 2.09 -29.67 -12.63
C TRP A 51 0.74 -29.08 -13.11
N MET A 52 -0.33 -29.63 -12.57
CA MET A 52 -1.69 -29.37 -13.04
C MET A 52 -2.66 -29.81 -11.96
N ILE A 53 -3.92 -29.42 -12.11
CA ILE A 53 -4.87 -29.82 -11.08
C ILE A 53 -5.47 -31.16 -11.47
N PRO A 54 -6.10 -31.90 -10.54
CA PRO A 54 -6.64 -33.21 -10.89
C PRO A 54 -7.72 -33.11 -11.95
N SER A 55 -7.80 -34.13 -12.79
CA SER A 55 -8.71 -34.09 -13.93
C SER A 55 -10.15 -33.82 -13.50
N GLU A 56 -10.62 -34.51 -12.44
CA GLU A 56 -12.01 -34.31 -12.00
C GLU A 56 -12.26 -32.89 -11.50
N ALA A 57 -11.25 -32.20 -10.99
CA ALA A 57 -11.42 -30.80 -10.62
C ALA A 57 -11.67 -29.96 -11.87
N LYS A 58 -10.76 -30.03 -12.85
CA LYS A 58 -10.94 -29.27 -14.08
C LYS A 58 -12.27 -29.64 -14.76
N GLU A 59 -12.55 -30.94 -14.92
CA GLU A 59 -13.79 -31.34 -15.58
C GLU A 59 -15.01 -30.76 -14.87
N SER A 60 -14.97 -30.74 -13.55
CA SER A 60 -16.08 -30.17 -12.79
C SER A 60 -16.22 -28.69 -13.08
N MET A 61 -15.12 -27.96 -12.98
CA MET A 61 -15.17 -26.52 -13.16
C MET A 61 -15.53 -26.13 -14.59
N ASP A 62 -14.99 -26.85 -15.59
CA ASP A 62 -15.34 -26.55 -16.97
C ASP A 62 -16.84 -26.72 -17.20
N LYS A 63 -17.48 -27.64 -16.48
CA LYS A 63 -18.90 -27.91 -16.66
C LYS A 63 -19.77 -26.94 -15.86
N ASN A 64 -19.43 -26.69 -14.58
CA ASN A 64 -20.29 -25.85 -13.74
C ASN A 64 -19.99 -24.36 -13.88
N LYS A 65 -18.76 -23.99 -14.27
CA LYS A 65 -18.35 -22.60 -14.40
C LYS A 65 -18.22 -21.87 -13.06
N MET A 66 -19.14 -22.14 -12.13
CA MET A 66 -19.08 -21.49 -10.81
C MET A 66 -18.33 -22.36 -9.81
N GLY A 67 -17.39 -21.76 -9.10
CA GLY A 67 -16.66 -22.45 -8.07
C GLY A 67 -16.54 -21.64 -6.80
N LEU A 68 -16.63 -22.31 -5.67
CA LEU A 68 -16.46 -21.68 -4.37
C LEU A 68 -15.29 -22.36 -3.69
N LYS A 69 -14.32 -21.57 -3.24
CA LYS A 69 -13.01 -22.08 -2.82
C LYS A 69 -12.60 -21.53 -1.46
N GLY A 70 -12.28 -22.42 -0.52
CA GLY A 70 -11.87 -22.02 0.80
C GLY A 70 -10.38 -21.79 0.90
N PRO A 71 -9.88 -21.51 2.11
CA PRO A 71 -8.45 -21.24 2.26
C PRO A 71 -7.65 -22.48 1.91
N LEU A 72 -6.58 -22.30 1.15
CA LEU A 72 -5.69 -23.41 0.86
C LEU A 72 -4.36 -23.26 1.60
N LYS A 73 -3.71 -24.40 1.83
CA LYS A 73 -2.38 -24.43 2.42
C LYS A 73 -1.35 -24.10 1.36
N THR A 74 -0.26 -23.45 1.80
CA THR A 74 0.82 -23.06 0.91
C THR A 74 1.99 -24.03 1.08
N PRO A 75 2.33 -24.85 0.07
CA PRO A 75 3.41 -25.86 0.09
C PRO A 75 4.80 -25.31 0.43
N PRO A 81 4.87 -25.24 -6.39
CA PRO A 81 3.97 -24.47 -7.25
C PRO A 81 2.63 -24.19 -6.57
N SER A 82 2.21 -22.93 -6.46
CA SER A 82 1.02 -22.60 -5.67
C SER A 82 -0.23 -23.01 -6.43
N MET A 83 -1.18 -23.62 -5.72
CA MET A 83 -2.41 -24.07 -6.36
C MET A 83 -3.25 -22.92 -6.87
N ASN A 84 -3.00 -21.70 -6.39
CA ASN A 84 -3.77 -20.56 -6.88
C ASN A 84 -3.17 -20.02 -8.18
N LEU A 85 -1.84 -20.00 -8.31
CA LEU A 85 -1.25 -19.69 -9.61
C LEU A 85 -1.65 -20.73 -10.66
N LEU A 86 -1.78 -21.99 -10.25
CA LEU A 86 -2.24 -23.06 -11.15
C LEU A 86 -3.67 -22.83 -11.58
N LEU A 87 -4.56 -22.55 -10.61
CA LEU A 87 -5.94 -22.26 -10.96
C LEU A 87 -6.03 -21.07 -11.91
N ARG A 88 -5.17 -20.07 -11.71
CA ARG A 88 -5.24 -18.88 -12.54
C ARG A 88 -4.88 -19.17 -13.99
N LYS A 89 -3.78 -19.90 -14.22
CA LYS A 89 -3.45 -20.28 -15.58
C LYS A 89 -4.46 -21.25 -16.17
N THR A 90 -5.01 -22.18 -15.37
CA THR A 90 -5.86 -23.22 -15.91
C THR A 90 -7.17 -22.66 -16.48
N PHE A 91 -7.67 -21.56 -15.92
CA PHE A 91 -8.95 -20.98 -16.34
C PHE A 91 -8.84 -19.52 -16.76
N ASP A 92 -7.61 -19.03 -16.93
CA ASP A 92 -7.30 -17.66 -17.35
C ASP A 92 -8.08 -16.66 -16.52
N LEU A 93 -7.91 -16.79 -15.21
CA LEU A 93 -8.59 -15.89 -14.28
C LEU A 93 -7.86 -14.56 -14.32
N TYR A 94 -8.38 -13.62 -15.10
CA TYR A 94 -7.65 -12.40 -15.38
C TYR A 94 -8.13 -11.23 -14.53
N ALA A 95 -9.31 -11.32 -13.95
CA ALA A 95 -9.93 -10.22 -13.21
C ALA A 95 -10.19 -10.66 -11.77
N ASN A 96 -9.54 -9.99 -10.83
CA ASN A 96 -9.73 -10.21 -9.38
C ASN A 96 -10.55 -9.06 -8.82
N VAL A 97 -11.80 -9.34 -8.46
CA VAL A 97 -12.73 -8.34 -7.93
C VAL A 97 -12.74 -8.45 -6.43
N ARG A 98 -12.46 -7.35 -5.74
CA ARG A 98 -12.49 -7.38 -4.28
C ARG A 98 -13.26 -6.18 -3.76
N PRO A 99 -14.56 -6.35 -3.49
CA PRO A 99 -15.31 -5.27 -2.86
C PRO A 99 -14.92 -5.13 -1.40
N CYS A 100 -14.77 -3.89 -0.98
CA CYS A 100 -14.41 -3.54 0.39
C CYS A 100 -15.51 -2.64 0.93
N VAL A 101 -16.30 -3.17 1.88
CA VAL A 101 -17.51 -2.48 2.36
C VAL A 101 -17.53 -2.50 3.88
N SER A 102 -17.77 -1.32 4.48
CA SER A 102 -17.96 -1.22 5.93
C SER A 102 -19.11 -2.12 6.38
N ILE A 103 -18.87 -2.88 7.44
CA ILE A 103 -19.88 -3.78 7.97
C ILE A 103 -20.69 -3.02 9.01
N GLU A 104 -21.97 -2.80 8.73
CA GLU A 104 -22.82 -2.02 9.63
C GLU A 104 -22.86 -2.71 10.99
N GLY A 105 -22.34 -2.05 12.02
CA GLY A 105 -22.35 -2.61 13.36
C GLY A 105 -21.13 -3.43 13.73
N TYR A 106 -20.07 -3.38 12.94
CA TYR A 106 -18.75 -3.90 13.32
C TYR A 106 -17.82 -2.69 13.26
N LYS A 107 -17.59 -2.07 14.41
CA LYS A 107 -16.94 -0.77 14.44
C LYS A 107 -15.46 -0.92 14.12
N THR A 108 -15.00 -0.19 13.10
CA THR A 108 -13.59 0.08 12.89
C THR A 108 -13.47 1.59 12.97
N PRO A 109 -12.24 2.16 12.93
CA PRO A 109 -12.14 3.62 12.84
C PRO A 109 -12.65 4.21 11.52
N TYR A 110 -13.05 3.39 10.54
CA TYR A 110 -13.51 3.87 9.25
C TYR A 110 -14.97 3.48 9.03
N THR A 111 -15.75 4.41 8.52
CA THR A 111 -17.17 4.18 8.29
C THR A 111 -17.56 4.60 6.88
N ASP A 112 -18.62 3.97 6.37
CA ASP A 112 -19.13 4.25 5.02
C ASP A 112 -18.01 4.15 3.99
N VAL A 113 -17.30 3.03 4.07
CA VAL A 113 -16.38 2.60 3.03
C VAL A 113 -17.17 1.79 2.04
N ASN A 114 -17.02 2.11 0.74
CA ASN A 114 -17.62 1.34 -0.35
C ASN A 114 -16.72 1.44 -1.58
N ILE A 115 -15.70 0.60 -1.61
CA ILE A 115 -14.69 0.60 -2.66
C ILE A 115 -14.67 -0.76 -3.32
N VAL A 116 -14.47 -0.79 -4.63
CA VAL A 116 -14.25 -2.03 -5.33
C VAL A 116 -12.91 -1.94 -6.03
N THR A 117 -12.03 -2.88 -5.71
CA THR A 117 -10.73 -2.97 -6.34
C THR A 117 -10.78 -4.01 -7.46
N ILE A 118 -10.38 -3.60 -8.66
CA ILE A 118 -10.30 -4.47 -9.83
C ILE A 118 -8.84 -4.63 -10.15
N ARG A 119 -8.32 -5.84 -9.95
CA ARG A 119 -6.89 -6.10 -10.02
C ARG A 119 -6.60 -7.03 -11.20
N GLU A 120 -5.72 -6.56 -12.10
CA GLU A 120 -5.25 -7.40 -13.20
C GLU A 120 -4.51 -8.61 -12.64
N ASN A 121 -4.90 -9.80 -13.06
CA ASN A 121 -4.48 -10.97 -12.34
C ASN A 121 -3.48 -11.85 -13.06
N THR A 122 -2.97 -11.45 -14.25
CA THR A 122 -2.16 -12.33 -15.08
C THR A 122 -0.71 -11.89 -15.28
N GLU A 123 -0.37 -10.65 -14.96
CA GLU A 123 0.81 -10.01 -15.54
C GLU A 123 1.65 -9.29 -14.50
N GLY A 124 2.33 -8.23 -14.93
CA GLY A 124 2.94 -7.32 -13.99
C GLY A 124 4.18 -7.94 -13.40
N GLU A 125 4.44 -7.64 -12.13
CA GLU A 125 5.62 -8.21 -11.50
C GLU A 125 5.43 -9.71 -11.17
N TYR A 126 4.25 -10.28 -11.45
CA TYR A 126 3.91 -11.66 -11.14
C TYR A 126 4.19 -12.61 -12.29
N SER A 127 5.08 -12.20 -13.20
CA SER A 127 5.35 -12.97 -14.41
C SER A 127 6.01 -14.31 -14.12
N GLY A 128 6.62 -14.46 -12.94
CA GLY A 128 7.44 -15.63 -12.69
C GLY A 128 8.80 -15.56 -13.34
N ILE A 129 9.22 -14.40 -13.83
CA ILE A 129 10.40 -14.27 -14.66
C ILE A 129 11.45 -13.45 -13.92
N GLU A 130 12.53 -14.11 -13.50
CA GLU A 130 13.67 -13.43 -12.89
C GLU A 130 14.96 -14.04 -13.42
N HIS A 131 16.04 -13.24 -13.39
CA HIS A 131 17.35 -13.72 -13.80
C HIS A 131 18.42 -13.28 -12.81
N VAL A 132 19.38 -14.17 -12.57
CA VAL A 132 20.64 -13.78 -11.94
C VAL A 132 21.54 -13.29 -13.06
N ILE A 133 21.75 -11.98 -13.11
CA ILE A 133 22.47 -11.36 -14.22
C ILE A 133 23.97 -11.64 -14.11
N VAL A 134 24.53 -11.33 -12.95
CA VAL A 134 25.87 -11.68 -12.51
C VAL A 134 25.76 -11.90 -11.00
N ASP A 135 26.81 -12.44 -10.39
CA ASP A 135 26.65 -12.91 -9.02
C ASP A 135 26.26 -11.75 -8.10
N GLY A 136 25.19 -11.93 -7.35
CA GLY A 136 24.71 -10.91 -6.45
C GLY A 136 23.88 -9.83 -7.08
N VAL A 137 23.42 -10.01 -8.32
CA VAL A 137 22.64 -8.98 -9.02
C VAL A 137 21.48 -9.67 -9.69
N VAL A 138 20.26 -9.40 -9.22
CA VAL A 138 19.05 -9.99 -9.76
C VAL A 138 18.23 -8.92 -10.46
N ALA A 139 17.67 -9.29 -11.61
CA ALA A 139 16.66 -8.50 -12.29
C ALA A 139 15.35 -9.28 -12.30
N SER A 140 14.28 -8.66 -11.81
CA SER A 140 12.96 -9.26 -11.84
C SER A 140 12.14 -8.56 -12.92
N ILE A 141 11.37 -9.32 -13.68
CA ILE A 141 10.79 -8.86 -14.92
C ILE A 141 9.34 -8.52 -14.68
N LYS A 142 9.03 -7.23 -14.72
CA LYS A 142 7.64 -6.77 -14.76
C LYS A 142 7.20 -6.68 -16.23
N LEU A 143 6.00 -7.21 -16.51
CA LEU A 143 5.48 -7.32 -17.87
C LEU A 143 4.09 -6.68 -17.95
N ILE A 144 3.93 -5.69 -18.83
CA ILE A 144 2.63 -5.06 -19.07
C ILE A 144 2.30 -5.17 -20.54
N THR A 145 1.11 -5.70 -20.86
CA THR A 145 0.74 -5.85 -22.27
C THR A 145 -0.51 -5.07 -22.62
N GLU A 146 -0.64 -4.84 -23.93
CA GLU A 146 -1.74 -4.09 -24.50
C GLU A 146 -3.07 -4.77 -24.25
N GLY A 147 -3.13 -6.09 -24.45
CA GLY A 147 -4.35 -6.84 -24.38
C GLY A 147 -4.81 -7.03 -22.95
N ALA A 148 -3.89 -7.44 -22.08
CA ALA A 148 -4.25 -7.61 -20.68
C ALA A 148 -4.77 -6.30 -20.09
N SER A 149 -4.11 -5.18 -20.40
CA SER A 149 -4.56 -3.89 -19.89
C SER A 149 -5.94 -3.53 -20.41
N LYS A 150 -6.16 -3.62 -21.73
CA LYS A 150 -7.47 -3.31 -22.30
C LYS A 150 -8.53 -4.22 -21.69
N ARG A 151 -8.19 -5.49 -21.49
CA ARG A 151 -9.15 -6.43 -20.93
C ARG A 151 -9.55 -6.04 -19.51
N ILE A 152 -8.57 -5.75 -18.64
CA ILE A 152 -8.95 -5.44 -17.26
C ILE A 152 -9.72 -4.13 -17.21
N ALA A 153 -9.34 -3.15 -18.04
CA ALA A 153 -10.06 -1.88 -18.02
C ALA A 153 -11.46 -2.04 -18.57
N GLU A 154 -11.63 -2.86 -19.60
CA GLU A 154 -12.98 -3.15 -20.06
C GLU A 154 -13.77 -3.85 -18.96
N PHE A 155 -13.10 -4.63 -18.11
CA PHE A 155 -13.81 -5.30 -17.03
C PHE A 155 -14.24 -4.32 -15.96
N ALA A 156 -13.36 -3.37 -15.62
CA ALA A 156 -13.69 -2.44 -14.55
C ALA A 156 -14.80 -1.51 -14.98
N PHE A 157 -14.86 -1.17 -16.27
CA PHE A 157 -15.92 -0.30 -16.75
C PHE A 157 -17.23 -1.06 -16.95
N GLU A 158 -17.19 -2.34 -17.31
CA GLU A 158 -18.44 -3.11 -17.29
C GLU A 158 -18.95 -3.26 -15.87
N TYR A 159 -18.06 -3.61 -14.93
CA TYR A 159 -18.46 -3.73 -13.54
C TYR A 159 -19.08 -2.44 -13.04
N ALA A 160 -18.49 -1.29 -13.37
CA ALA A 160 -19.10 -0.06 -12.89
C ALA A 160 -20.47 0.16 -13.51
N ARG A 161 -20.63 -0.14 -14.81
CA ARG A 161 -21.93 0.05 -15.45
C ARG A 161 -23.01 -0.85 -14.86
N ASN A 162 -22.65 -2.07 -14.43
CA ASN A 162 -23.61 -3.06 -13.98
C ASN A 162 -23.91 -2.99 -12.48
N ASN A 163 -23.21 -2.14 -11.75
CA ASN A 163 -23.32 -2.13 -10.29
C ASN A 163 -23.50 -0.71 -9.77
N HIS A 164 -24.09 0.18 -10.58
CA HIS A 164 -24.45 1.52 -10.15
C HIS A 164 -23.24 2.37 -9.76
N ARG A 165 -22.02 1.91 -10.02
CA ARG A 165 -20.87 2.73 -9.64
C ARG A 165 -20.72 3.85 -10.65
N SER A 166 -20.22 4.99 -10.19
CA SER A 166 -20.15 6.15 -11.08
C SER A 166 -18.75 6.53 -11.53
N ASN A 167 -17.71 6.12 -10.79
CA ASN A 167 -16.33 6.55 -11.01
C ASN A 167 -15.38 5.37 -11.02
N VAL A 168 -14.55 5.30 -12.06
CA VAL A 168 -13.44 4.37 -12.15
C VAL A 168 -12.16 5.19 -12.02
N THR A 169 -11.29 4.81 -11.09
CA THR A 169 -9.97 5.41 -10.99
C THR A 169 -8.93 4.39 -11.43
N ALA A 170 -8.00 4.83 -12.29
CA ALA A 170 -6.88 3.98 -12.68
C ALA A 170 -5.70 4.35 -11.79
N VAL A 171 -5.13 3.35 -11.11
CA VAL A 171 -4.07 3.55 -10.12
C VAL A 171 -2.77 3.03 -10.72
N HIS A 172 -1.74 3.87 -10.71
CA HIS A 172 -0.56 3.58 -11.52
C HIS A 172 0.63 4.32 -10.95
N LYS A 173 1.80 4.04 -11.52
CA LYS A 173 3.03 4.78 -11.23
C LYS A 173 3.74 5.14 -12.53
N ALA A 174 2.97 5.64 -13.51
CA ALA A 174 3.55 5.98 -14.80
C ALA A 174 4.63 7.05 -14.71
N ASN A 175 4.72 7.78 -13.59
CA ASN A 175 5.82 8.73 -13.42
C ASN A 175 7.14 8.02 -13.12
N ILE A 176 7.10 6.87 -12.49
CA ILE A 176 8.33 6.14 -12.19
C ILE A 176 8.63 5.13 -13.27
N MET A 177 7.63 4.29 -13.59
CA MET A 177 7.75 3.29 -14.64
C MET A 177 7.01 3.81 -15.88
N ARG A 178 7.72 4.62 -16.66
CA ARG A 178 7.09 5.45 -17.70
C ARG A 178 6.49 4.62 -18.83
N MET A 179 7.15 3.52 -19.21
CA MET A 179 6.73 2.76 -20.39
C MET A 179 5.67 1.71 -20.07
N SER A 180 5.90 0.88 -19.05
CA SER A 180 4.92 -0.15 -18.71
C SER A 180 3.65 0.44 -18.09
N ASP A 181 3.78 1.12 -16.94
CA ASP A 181 2.59 1.72 -16.37
C ASP A 181 1.96 2.70 -17.36
N GLY A 182 2.78 3.38 -18.16
CA GLY A 182 2.25 4.28 -19.17
C GLY A 182 1.34 3.57 -20.14
N LEU A 183 1.71 2.35 -20.53
CA LEU A 183 0.88 1.61 -21.46
C LEU A 183 -0.42 1.21 -20.80
N PHE A 184 -0.34 0.69 -19.57
CA PHE A 184 -1.56 0.43 -18.80
C PHE A 184 -2.46 1.65 -18.76
N LEU A 185 -1.90 2.83 -18.44
CA LEU A 185 -2.69 4.04 -18.39
C LEU A 185 -3.35 4.33 -19.74
N GLN A 186 -2.57 4.25 -20.82
CA GLN A 186 -3.08 4.55 -22.16
C GLN A 186 -4.27 3.66 -22.52
N LYS A 187 -4.26 2.39 -22.10
CA LYS A 187 -5.36 1.51 -22.47
C LYS A 187 -6.59 1.77 -21.61
N CYS A 188 -6.38 2.20 -20.36
CA CYS A 188 -7.48 2.69 -19.54
C CYS A 188 -8.08 3.93 -20.18
N ARG A 189 -7.23 4.88 -20.57
CA ARG A 189 -7.73 6.10 -21.20
C ARG A 189 -8.56 5.81 -22.43
N GLU A 190 -8.11 4.86 -23.26
CA GLU A 190 -8.89 4.50 -24.44
C GLU A 190 -10.26 3.99 -24.04
N VAL A 191 -10.30 2.98 -23.17
CA VAL A 191 -11.59 2.39 -22.80
C VAL A 191 -12.49 3.45 -22.18
N ALA A 192 -11.90 4.36 -21.41
CA ALA A 192 -12.67 5.41 -20.77
C ALA A 192 -13.33 6.33 -21.79
N GLU A 193 -12.61 6.64 -22.87
CA GLU A 193 -13.22 7.41 -23.97
C GLU A 193 -14.40 6.66 -24.58
N SER A 194 -14.39 5.35 -24.50
CA SER A 194 -15.44 4.50 -25.05
C SER A 194 -16.64 4.35 -24.12
N CYS A 195 -16.54 4.83 -22.88
CA CYS A 195 -17.57 4.66 -21.87
C CYS A 195 -17.85 6.02 -21.23
N LYS A 196 -18.51 6.89 -22.00
CA LYS A 196 -18.74 8.26 -21.55
C LYS A 196 -19.67 8.34 -20.35
N ASP A 197 -20.42 7.28 -20.04
CA ASP A 197 -21.31 7.33 -18.87
C ASP A 197 -20.61 7.06 -17.55
N ILE A 198 -19.33 6.69 -17.56
CA ILE A 198 -18.58 6.49 -16.32
C ILE A 198 -17.53 7.59 -16.24
N LYS A 199 -17.55 8.34 -15.15
CA LYS A 199 -16.52 9.33 -14.90
C LYS A 199 -15.20 8.62 -14.57
N PHE A 200 -14.13 9.01 -15.27
CA PHE A 200 -12.83 8.36 -15.16
C PHE A 200 -11.78 9.34 -14.63
N ASN A 201 -10.87 8.84 -13.79
CA ASN A 201 -9.77 9.69 -13.37
C ASN A 201 -8.56 8.82 -13.09
N GLU A 202 -7.40 9.47 -13.00
CA GLU A 202 -6.12 8.78 -12.87
C GLU A 202 -5.53 9.18 -11.54
N MET A 203 -4.76 8.29 -10.89
CA MET A 203 -4.13 8.67 -9.64
C MET A 203 -2.92 7.79 -9.32
N TYR A 204 -1.85 8.41 -8.82
CA TYR A 204 -0.65 7.66 -8.49
C TYR A 204 -0.92 6.71 -7.34
N LEU A 205 -0.19 5.59 -7.32
CA LEU A 205 -0.43 4.59 -6.27
C LEU A 205 -0.08 5.15 -4.89
N ASP A 206 1.11 5.75 -4.76
CA ASP A 206 1.46 6.27 -3.44
C ASP A 206 0.44 7.28 -2.98
N THR A 207 -0.03 8.14 -3.88
CA THR A 207 -1.01 9.15 -3.49
C THR A 207 -2.31 8.51 -3.02
N VAL A 208 -2.74 7.43 -3.68
CA VAL A 208 -3.91 6.70 -3.23
C VAL A 208 -3.72 6.17 -1.82
N CYS A 209 -2.57 5.52 -1.57
CA CYS A 209 -2.29 4.99 -0.24
C CYS A 209 -2.26 6.10 0.80
N LEU A 210 -1.77 7.27 0.40
CA LEU A 210 -1.70 8.38 1.34
C LEU A 210 -3.11 8.87 1.70
N ASN A 211 -4.02 8.87 0.73
CA ASN A 211 -5.36 9.38 0.96
C ASN A 211 -6.30 8.32 1.48
N MET A 212 -6.12 7.06 1.07
CA MET A 212 -7.07 6.00 1.43
C MET A 212 -7.18 5.89 2.95
N VAL A 213 -6.05 6.04 3.64
CA VAL A 213 -5.94 5.91 5.09
C VAL A 213 -6.50 7.12 5.83
N GLN A 214 -6.73 8.24 5.13
CA GLN A 214 -7.26 9.47 5.72
C GLN A 214 -8.74 9.66 5.39
N ASP A 215 -9.12 9.49 4.13
CA ASP A 215 -10.49 9.68 3.70
C ASP A 215 -10.80 8.62 2.65
N PRO A 216 -11.23 7.43 3.08
CA PRO A 216 -11.53 6.36 2.11
C PRO A 216 -12.79 6.59 1.30
N SER A 217 -13.58 7.60 1.61
CA SER A 217 -14.86 7.76 0.93
C SER A 217 -14.72 8.43 -0.43
N GLN A 218 -13.51 8.85 -0.81
CA GLN A 218 -13.30 9.54 -2.07
C GLN A 218 -13.03 8.58 -3.23
N PHE A 219 -13.20 7.28 -3.00
CA PHE A 219 -12.86 6.25 -3.97
C PHE A 219 -14.04 5.35 -4.24
N ASP A 220 -14.22 5.01 -5.52
CA ASP A 220 -15.34 4.23 -5.98
C ASP A 220 -14.78 2.92 -6.52
N VAL A 221 -14.67 2.77 -7.85
CA VAL A 221 -14.05 1.62 -8.48
C VAL A 221 -12.60 1.96 -8.78
N LEU A 222 -11.69 1.04 -8.50
CA LEU A 222 -10.28 1.25 -8.80
C LEU A 222 -9.69 0.08 -9.59
N VAL A 223 -9.07 0.37 -10.74
CA VAL A 223 -8.49 -0.66 -11.60
C VAL A 223 -7.00 -0.43 -11.71
N MET A 224 -6.22 -1.51 -11.59
CA MET A 224 -4.77 -1.33 -11.48
C MET A 224 -4.08 -2.63 -11.87
N PRO A 225 -2.77 -2.58 -12.20
CA PRO A 225 -2.02 -3.80 -12.48
C PRO A 225 -1.80 -4.65 -11.23
N ASN A 226 -1.23 -5.83 -11.48
CA ASN A 226 -1.30 -6.95 -10.54
C ASN A 226 -0.72 -6.60 -9.16
N LEU A 227 0.53 -6.14 -9.13
CA LEU A 227 1.17 -5.95 -7.84
C LEU A 227 0.46 -4.85 -7.05
N TYR A 228 0.09 -3.75 -7.71
CA TYR A 228 -0.62 -2.70 -7.00
C TYR A 228 -1.95 -3.19 -6.47
N GLY A 229 -2.64 -4.03 -7.25
CA GLY A 229 -3.92 -4.52 -6.82
C GLY A 229 -3.78 -5.49 -5.66
N ASP A 230 -2.76 -6.35 -5.70
CA ASP A 230 -2.60 -7.31 -4.63
C ASP A 230 -2.35 -6.62 -3.29
N ILE A 231 -1.66 -5.48 -3.32
CA ILE A 231 -1.33 -4.73 -2.12
C ILE A 231 -2.50 -3.87 -1.65
N LEU A 232 -3.15 -3.14 -2.56
CA LEU A 232 -4.14 -2.17 -2.13
C LEU A 232 -5.44 -2.83 -1.69
N SER A 233 -5.80 -3.96 -2.30
CA SER A 233 -6.96 -4.69 -1.81
C SER A 233 -6.80 -5.07 -0.35
N ASP A 234 -5.60 -5.48 0.06
CA ASP A 234 -5.45 -5.88 1.45
C ASP A 234 -5.34 -4.68 2.38
N LEU A 235 -4.71 -3.58 1.95
CA LEU A 235 -4.78 -2.33 2.71
C LEU A 235 -6.24 -1.96 2.97
N CYS A 236 -7.03 -1.89 1.91
CA CYS A 236 -8.42 -1.50 2.06
C CYS A 236 -9.17 -2.45 2.99
N ALA A 237 -8.84 -3.74 2.98
CA ALA A 237 -9.50 -4.66 3.90
C ALA A 237 -9.22 -4.30 5.35
N GLY A 238 -8.07 -3.69 5.62
CA GLY A 238 -7.83 -3.23 6.97
C GLY A 238 -8.81 -2.18 7.43
N LEU A 239 -9.40 -1.44 6.50
CA LEU A 239 -10.27 -0.34 6.90
C LEU A 239 -11.58 -0.84 7.50
N ILE A 240 -12.02 -2.04 7.10
CA ILE A 240 -13.34 -2.54 7.46
C ILE A 240 -13.29 -3.79 8.34
N GLY A 241 -12.11 -4.27 8.73
CA GLY A 241 -12.09 -5.39 9.64
C GLY A 241 -11.22 -6.59 9.35
N GLY A 242 -10.59 -6.65 8.17
CA GLY A 242 -9.62 -7.67 7.89
C GLY A 242 -10.11 -8.70 6.87
N LEU A 243 -9.28 -9.73 6.66
CA LEU A 243 -9.55 -10.73 5.63
C LEU A 243 -10.67 -11.69 6.01
N GLY A 244 -11.07 -11.71 7.28
CA GLY A 244 -12.13 -12.56 7.76
C GLY A 244 -13.53 -12.12 7.41
N VAL A 245 -13.66 -10.92 6.83
CA VAL A 245 -14.97 -10.42 6.42
C VAL A 245 -14.95 -9.89 4.98
N THR A 246 -13.86 -10.20 4.23
CA THR A 246 -13.69 -9.65 2.88
C THR A 246 -13.91 -10.74 1.85
N PRO A 247 -14.85 -10.53 0.94
CA PRO A 247 -15.05 -11.49 -0.15
C PRO A 247 -14.11 -11.21 -1.31
N SER A 248 -13.97 -12.22 -2.17
CA SER A 248 -13.13 -12.11 -3.35
C SER A 248 -13.63 -13.06 -4.41
N GLY A 249 -13.72 -12.56 -5.63
CA GLY A 249 -14.04 -13.40 -6.78
C GLY A 249 -13.01 -13.18 -7.87
N ASN A 250 -12.74 -14.23 -8.62
CA ASN A 250 -11.88 -14.15 -9.80
C ASN A 250 -12.65 -14.57 -11.04
N ILE A 251 -12.65 -13.73 -12.05
CA ILE A 251 -13.34 -14.05 -13.30
C ILE A 251 -12.32 -14.53 -14.33
N GLY A 252 -12.77 -15.48 -15.16
CA GLY A 252 -11.87 -16.03 -16.16
C GLY A 252 -12.51 -16.24 -17.51
N ALA A 253 -11.97 -17.21 -18.25
CA ALA A 253 -12.40 -17.52 -19.60
C ALA A 253 -13.45 -18.61 -19.60
N ASN A 254 -14.23 -18.63 -20.67
CA ASN A 254 -15.31 -19.59 -20.86
C ASN A 254 -16.30 -19.50 -19.71
N GLY A 255 -16.65 -18.27 -19.34
CA GLY A 255 -17.63 -18.06 -18.30
C GLY A 255 -17.29 -18.64 -16.94
N VAL A 256 -16.02 -18.93 -16.70
CA VAL A 256 -15.59 -19.50 -15.43
C VAL A 256 -15.31 -18.37 -14.47
N ALA A 257 -15.71 -18.55 -13.22
CA ALA A 257 -15.42 -17.63 -12.14
C ALA A 257 -15.29 -18.45 -10.88
N ILE A 258 -14.33 -18.12 -10.04
CA ILE A 258 -14.09 -18.81 -8.78
C ILE A 258 -14.11 -17.77 -7.67
N PHE A 259 -14.99 -17.96 -6.69
CA PHE A 259 -15.15 -17.07 -5.56
C PHE A 259 -14.53 -17.72 -4.34
N GLU A 260 -13.91 -16.93 -3.48
CA GLU A 260 -12.89 -17.47 -2.59
C GLU A 260 -12.78 -16.69 -1.29
N SER A 261 -12.35 -17.37 -0.26
CA SER A 261 -11.86 -16.64 0.90
C SER A 261 -10.38 -16.37 0.70
N VAL A 262 -9.91 -15.24 1.22
CA VAL A 262 -8.51 -14.90 1.07
C VAL A 262 -7.80 -14.83 2.41
N HIS A 263 -8.39 -15.37 3.47
CA HIS A 263 -7.72 -15.51 4.75
C HIS A 263 -6.99 -16.84 4.78
N GLY A 264 -6.13 -16.99 5.79
CA GLY A 264 -5.32 -18.19 5.91
C GLY A 264 -6.16 -19.37 6.36
N THR A 265 -5.49 -20.52 6.45
CA THR A 265 -6.23 -21.70 6.86
C THR A 265 -6.58 -21.70 8.34
N ALA A 266 -5.96 -20.82 9.13
CA ALA A 266 -6.20 -20.71 10.56
C ALA A 266 -6.14 -22.07 11.26
N PRO A 267 -5.00 -22.74 11.22
CA PRO A 267 -4.92 -24.07 11.84
C PRO A 267 -4.98 -24.04 13.35
N ASP A 268 -4.63 -22.92 13.98
CA ASP A 268 -4.71 -22.81 15.44
C ASP A 268 -6.11 -23.07 15.98
N ILE A 269 -7.16 -22.99 15.15
CA ILE A 269 -8.54 -23.13 15.62
C ILE A 269 -9.33 -24.10 14.74
N ALA A 270 -8.64 -24.80 13.84
CA ALA A 270 -9.32 -25.75 12.98
C ALA A 270 -10.01 -26.82 13.81
N GLY A 271 -11.28 -27.09 13.48
CA GLY A 271 -12.00 -28.16 14.12
C GLY A 271 -12.53 -27.86 15.51
N LYS A 272 -12.26 -26.67 16.05
CA LYS A 272 -12.72 -26.34 17.39
C LYS A 272 -13.98 -25.49 17.36
N ASP A 273 -14.69 -25.46 16.23
CA ASP A 273 -16.00 -24.80 16.12
C ASP A 273 -15.91 -23.31 16.46
N MET A 274 -14.88 -22.66 15.94
CA MET A 274 -14.53 -21.31 16.35
C MET A 274 -14.35 -20.36 15.18
N ALA A 275 -14.44 -20.85 13.94
CA ALA A 275 -14.07 -20.12 12.73
C ALA A 275 -15.15 -19.13 12.31
N ASN A 276 -14.70 -18.07 11.61
CA ASN A 276 -15.61 -17.07 11.07
C ASN A 276 -15.87 -17.32 9.59
N PRO A 277 -17.12 -17.63 9.18
CA PRO A 277 -17.37 -17.94 7.77
C PRO A 277 -17.96 -16.80 6.95
N THR A 278 -17.90 -15.56 7.47
CA THR A 278 -18.46 -14.40 6.77
C THR A 278 -17.85 -14.24 5.38
N ALA A 279 -16.51 -14.26 5.31
CA ALA A 279 -15.81 -14.07 4.03
C ALA A 279 -16.32 -15.04 2.97
N LEU A 280 -16.13 -16.34 3.18
CA LEU A 280 -16.59 -17.28 2.18
C LEU A 280 -18.06 -17.08 1.87
N LEU A 281 -18.85 -16.70 2.88
CA LEU A 281 -20.27 -16.50 2.65
C LEU A 281 -20.51 -15.27 1.78
N LEU A 282 -19.83 -14.16 2.10
CA LEU A 282 -19.99 -12.97 1.27
C LEU A 282 -19.45 -13.22 -0.14
N SER A 283 -18.41 -14.05 -0.29
CA SER A 283 -17.98 -14.44 -1.62
C SER A 283 -19.06 -15.28 -2.31
N ALA A 284 -19.61 -16.26 -1.59
CA ALA A 284 -20.73 -17.02 -2.12
C ALA A 284 -21.92 -16.12 -2.49
N VAL A 285 -22.01 -14.95 -1.88
CA VAL A 285 -23.03 -14.00 -2.29
C VAL A 285 -22.67 -13.40 -3.64
N MET A 286 -21.42 -12.94 -3.80
CA MET A 286 -20.96 -12.51 -5.11
C MET A 286 -21.27 -13.55 -6.16
N MET A 287 -20.93 -14.81 -5.84
CA MET A 287 -21.24 -15.92 -6.74
C MET A 287 -22.71 -15.94 -7.07
N LEU A 288 -23.58 -15.85 -6.05
CA LEU A 288 -25.02 -15.94 -6.31
C LEU A 288 -25.45 -14.83 -7.27
N ARG A 289 -24.96 -13.60 -7.04
CA ARG A 289 -25.29 -12.52 -7.97
C ARG A 289 -24.73 -12.81 -9.36
N HIS A 290 -23.56 -13.43 -9.43
CA HIS A 290 -23.02 -13.77 -10.74
C HIS A 290 -23.91 -14.75 -11.49
N MET A 291 -24.74 -15.52 -10.78
CA MET A 291 -25.55 -16.57 -11.41
C MET A 291 -26.97 -16.13 -11.69
N GLY A 292 -27.33 -14.91 -11.34
CA GLY A 292 -28.69 -14.44 -11.52
C GLY A 292 -29.60 -14.62 -10.32
N LEU A 293 -29.14 -15.27 -9.25
CA LEU A 293 -30.00 -15.52 -8.09
C LEU A 293 -30.00 -14.33 -7.14
N PHE A 294 -30.52 -13.20 -7.64
CA PHE A 294 -30.40 -11.96 -6.89
C PHE A 294 -31.20 -11.99 -5.61
N ASP A 295 -32.29 -12.77 -5.58
CA ASP A 295 -33.16 -12.73 -4.41
C ASP A 295 -32.56 -13.53 -3.26
N HIS A 296 -31.99 -14.69 -3.58
CA HIS A 296 -31.33 -15.44 -2.53
C HIS A 296 -30.08 -14.71 -2.03
N ALA A 297 -29.33 -14.08 -2.93
CA ALA A 297 -28.16 -13.33 -2.50
C ALA A 297 -28.54 -12.25 -1.50
N ALA A 298 -29.61 -11.50 -1.81
CA ALA A 298 -29.96 -10.37 -0.95
C ALA A 298 -30.51 -10.85 0.40
N ARG A 299 -31.24 -11.96 0.41
CA ARG A 299 -31.73 -12.50 1.69
C ARG A 299 -30.57 -13.03 2.53
N ILE A 300 -29.70 -13.84 1.92
CA ILE A 300 -28.53 -14.35 2.64
C ILE A 300 -27.64 -13.21 3.09
N GLU A 301 -27.39 -12.25 2.21
CA GLU A 301 -26.55 -11.14 2.60
C GLU A 301 -27.21 -10.31 3.71
N ALA A 302 -28.54 -10.12 3.61
CA ALA A 302 -29.26 -9.39 4.64
C ALA A 302 -29.25 -10.14 5.97
N ALA A 303 -29.44 -11.45 5.90
CA ALA A 303 -29.41 -12.27 7.10
C ALA A 303 -28.03 -12.23 7.74
N CYS A 304 -26.98 -12.16 6.91
CA CYS A 304 -25.63 -12.12 7.47
C CYS A 304 -25.39 -10.80 8.19
N PHE A 305 -25.64 -9.68 7.51
CA PHE A 305 -25.34 -8.37 8.10
C PHE A 305 -26.15 -8.14 9.36
N ALA A 306 -27.41 -8.57 9.35
CA ALA A 306 -28.29 -8.40 10.50
C ALA A 306 -27.76 -9.16 11.71
N THR A 307 -27.26 -10.39 11.51
CA THR A 307 -26.67 -11.12 12.62
C THR A 307 -25.52 -10.33 13.23
N ILE A 308 -24.72 -9.66 12.40
CA ILE A 308 -23.55 -8.96 12.90
C ILE A 308 -23.94 -7.64 13.59
N LYS A 309 -24.91 -6.92 13.01
CA LYS A 309 -25.40 -5.69 13.63
C LYS A 309 -25.96 -5.96 15.03
N ASP A 310 -26.62 -7.13 15.20
CA ASP A 310 -27.25 -7.47 16.47
C ASP A 310 -26.22 -7.70 17.57
N GLY A 311 -25.06 -8.25 17.23
CA GLY A 311 -23.96 -8.33 18.17
C GLY A 311 -24.01 -9.53 19.10
N LYS A 312 -25.20 -10.03 19.38
CA LYS A 312 -25.28 -11.03 20.45
C LYS A 312 -24.56 -12.38 20.10
N SER A 313 -23.87 -12.59 18.97
CA SER A 313 -23.32 -13.91 18.70
C SER A 313 -22.14 -13.91 17.73
N LEU A 314 -21.18 -13.03 17.95
CA LEU A 314 -20.04 -12.94 17.05
C LEU A 314 -18.94 -13.93 17.40
N THR A 315 -18.25 -14.42 16.36
CA THR A 315 -17.13 -15.32 16.53
C THR A 315 -15.92 -14.58 17.14
N LYS A 316 -15.02 -15.36 17.73
CA LYS A 316 -13.91 -14.80 18.52
C LYS A 316 -13.22 -13.64 17.82
N ASP A 317 -12.98 -13.79 16.52
CA ASP A 317 -12.10 -12.87 15.80
C ASP A 317 -12.73 -11.49 15.64
N LEU A 318 -14.06 -11.38 15.78
CA LEU A 318 -14.73 -10.10 15.70
C LEU A 318 -15.25 -9.63 17.05
N GLY A 319 -14.61 -10.06 18.14
CA GLY A 319 -14.96 -9.59 19.46
C GLY A 319 -16.21 -10.21 20.06
N GLY A 320 -16.26 -11.52 20.11
CA GLY A 320 -17.33 -12.24 20.77
C GLY A 320 -16.77 -13.57 21.24
N ASN A 321 -17.62 -14.52 21.58
CA ASN A 321 -17.12 -15.87 21.84
C ASN A 321 -18.14 -16.94 21.50
N ALA A 322 -19.02 -16.68 20.54
CA ALA A 322 -19.91 -17.71 20.05
C ALA A 322 -19.14 -18.71 19.20
N LYS A 323 -19.61 -19.95 19.21
CA LYS A 323 -19.04 -20.94 18.32
C LYS A 323 -19.38 -20.59 16.87
N CYS A 324 -18.61 -21.17 15.95
CA CYS A 324 -19.00 -21.07 14.54
C CYS A 324 -20.41 -21.62 14.30
N SER A 325 -20.82 -22.64 15.06
CA SER A 325 -22.17 -23.20 14.93
C SER A 325 -23.22 -22.20 15.35
N ASP A 326 -23.02 -21.53 16.49
CA ASP A 326 -24.04 -20.61 16.97
C ASP A 326 -24.19 -19.44 16.02
N PHE A 327 -23.07 -18.91 15.53
CA PHE A 327 -23.12 -17.84 14.53
C PHE A 327 -23.81 -18.31 13.26
N THR A 328 -23.44 -19.51 12.77
CA THR A 328 -24.11 -20.07 11.61
C THR A 328 -25.60 -20.31 11.87
N GLU A 329 -25.97 -20.68 13.10
CA GLU A 329 -27.37 -21.00 13.38
C GLU A 329 -28.25 -19.74 13.40
N GLU A 330 -27.74 -18.63 13.98
CA GLU A 330 -28.56 -17.42 14.02
C GLU A 330 -28.88 -16.91 12.60
N ILE A 331 -27.91 -17.02 11.69
CA ILE A 331 -28.13 -16.61 10.29
C ILE A 331 -29.22 -17.45 9.65
N CYS A 332 -29.17 -18.77 9.86
CA CYS A 332 -30.16 -19.68 9.30
C CYS A 332 -31.58 -19.32 9.73
N ARG A 333 -31.80 -19.07 11.05
CA ARG A 333 -33.17 -18.74 11.47
C ARG A 333 -33.56 -17.34 11.00
N ARG A 334 -32.58 -16.44 10.81
CA ARG A 334 -32.91 -15.11 10.31
C ARG A 334 -33.35 -15.15 8.85
N VAL A 335 -32.62 -15.91 8.02
CA VAL A 335 -32.90 -15.91 6.59
C VAL A 335 -34.24 -16.59 6.26
N LYS A 336 -34.80 -17.33 7.22
CA LYS A 336 -36.20 -17.75 7.12
C LYS A 336 -37.04 -16.58 7.62
N ASP A 337 -37.49 -15.75 6.67
CA ASP A 337 -38.23 -14.53 6.98
C ASP A 337 -39.73 -14.72 6.67
N PHE B 15 27.76 27.87 9.66
CA PHE B 15 27.32 26.56 9.15
C PHE B 15 26.65 26.66 7.77
N PRO B 16 27.36 26.34 6.70
CA PRO B 16 26.75 26.38 5.36
C PRO B 16 25.91 25.15 5.08
N VAL B 17 24.78 25.35 4.39
CA VAL B 17 23.83 24.27 4.10
C VAL B 17 23.30 24.45 2.67
N THR B 18 23.42 23.39 1.87
CA THR B 18 22.90 23.40 0.50
C THR B 18 21.38 23.34 0.50
N MET B 19 20.75 24.18 -0.31
CA MET B 19 19.28 24.21 -0.39
C MET B 19 18.86 24.03 -1.83
N LEU B 20 17.86 23.18 -2.04
CA LEU B 20 17.28 22.98 -3.37
C LEU B 20 15.76 23.16 -3.24
N PRO B 21 15.22 24.32 -3.63
CA PRO B 21 13.78 24.57 -3.37
C PRO B 21 12.85 23.50 -3.93
N GLY B 22 13.16 22.91 -5.08
CA GLY B 22 12.35 21.80 -5.56
C GLY B 22 11.06 22.20 -6.26
N ASP B 23 10.21 21.20 -6.46
CA ASP B 23 9.02 21.33 -7.30
C ASP B 23 7.77 21.69 -6.49
N GLY B 24 6.78 22.24 -7.20
CA GLY B 24 5.50 22.55 -6.58
C GLY B 24 5.64 23.60 -5.50
N VAL B 25 5.09 23.30 -4.32
CA VAL B 25 5.16 24.19 -3.17
C VAL B 25 6.50 24.17 -2.46
N GLY B 26 7.48 23.44 -2.98
CA GLY B 26 8.82 23.44 -2.42
C GLY B 26 9.37 24.82 -2.09
N PRO B 27 9.40 25.74 -3.06
CA PRO B 27 9.92 27.08 -2.75
C PRO B 27 9.19 27.75 -1.62
N GLU B 28 7.86 27.59 -1.56
CA GLU B 28 7.12 28.17 -0.45
C GLU B 28 7.58 27.58 0.89
N LEU B 29 7.79 26.26 0.95
CA LEU B 29 8.21 25.62 2.20
C LEU B 29 9.59 26.11 2.62
N MET B 30 10.54 26.22 1.68
CA MET B 30 11.84 26.77 2.07
C MET B 30 11.70 28.19 2.60
N HIS B 31 10.76 28.96 2.04
CA HIS B 31 10.50 30.30 2.57
C HIS B 31 10.13 30.23 4.05
N ALA B 32 9.33 29.24 4.45
CA ALA B 32 8.97 29.14 5.86
C ALA B 32 10.16 28.71 6.71
N VAL B 33 10.93 27.73 6.25
CA VAL B 33 12.16 27.37 6.96
C VAL B 33 13.02 28.62 7.14
N LYS B 34 13.25 29.35 6.04
CA LYS B 34 14.14 30.51 6.07
C LYS B 34 13.64 31.55 7.07
N GLU B 35 12.32 31.74 7.17
CA GLU B 35 11.78 32.75 8.08
C GLU B 35 11.91 32.31 9.54
N VAL B 36 11.57 31.06 9.82
CA VAL B 36 11.68 30.55 11.18
C VAL B 36 13.13 30.53 11.63
N PHE B 37 14.05 30.21 10.72
CA PHE B 37 15.45 30.23 11.09
C PHE B 37 15.89 31.64 11.49
N LYS B 38 15.48 32.66 10.73
CA LYS B 38 15.84 34.03 11.07
C LYS B 38 15.30 34.40 12.45
N ALA B 39 14.06 34.03 12.77
CA ALA B 39 13.47 34.43 14.03
C ALA B 39 14.09 33.69 15.21
N ALA B 40 14.69 32.53 14.97
CA ALA B 40 15.37 31.80 16.02
C ALA B 40 16.87 32.06 16.04
N ALA B 41 17.35 32.90 15.13
CA ALA B 41 18.78 33.26 15.06
C ALA B 41 19.64 32.01 14.85
N VAL B 42 19.21 31.19 13.89
CA VAL B 42 19.89 29.93 13.62
C VAL B 42 21.18 30.27 12.89
N PRO B 43 22.33 29.91 13.44
CA PRO B 43 23.59 30.22 12.76
C PRO B 43 23.78 29.36 11.53
N VAL B 44 22.87 29.47 10.58
CA VAL B 44 22.92 28.66 9.37
C VAL B 44 22.77 29.57 8.17
N GLU B 45 23.57 29.31 7.16
CA GLU B 45 23.59 30.12 5.94
C GLU B 45 23.30 29.19 4.78
N PHE B 46 22.12 29.34 4.19
CA PHE B 46 21.71 28.51 3.06
C PHE B 46 22.37 29.01 1.79
N GLN B 47 22.81 28.06 0.95
CA GLN B 47 23.31 28.36 -0.40
C GLN B 47 22.42 27.63 -1.39
N GLU B 48 21.72 28.40 -2.23
CA GLU B 48 20.64 27.89 -3.06
C GLU B 48 21.14 27.37 -4.40
N HIS B 49 20.71 26.16 -4.76
CA HIS B 49 20.97 25.57 -6.07
C HIS B 49 19.66 25.01 -6.63
N HIS B 50 19.62 24.80 -7.94
CA HIS B 50 18.41 24.40 -8.65
C HIS B 50 18.65 23.17 -9.50
N LEU B 51 17.94 22.10 -9.20
CA LEU B 51 17.97 20.91 -10.02
C LEU B 51 16.62 20.55 -10.62
N SER B 52 15.52 20.83 -9.91
CA SER B 52 14.20 20.40 -10.38
C SER B 52 13.79 21.15 -11.64
N GLU B 53 13.40 20.37 -12.67
CA GLU B 53 12.79 20.86 -13.92
C GLU B 53 13.76 21.61 -14.82
N VAL B 54 15.04 21.24 -14.85
CA VAL B 54 15.98 21.87 -15.77
C VAL B 54 15.91 21.13 -17.10
N GLN B 55 16.59 21.65 -18.11
CA GLN B 55 16.65 20.98 -19.41
C GLN B 55 17.96 20.21 -19.56
N MET B 57 20.27 19.10 -21.07
CA MET B 57 21.68 19.25 -21.35
C MET B 57 22.38 20.01 -20.22
N ALA B 58 21.62 20.90 -19.56
CA ALA B 58 22.04 21.53 -18.32
C ALA B 58 21.90 20.60 -17.13
N SER B 59 21.50 19.36 -17.40
CA SER B 59 21.27 18.32 -16.40
C SER B 59 22.54 17.93 -15.64
N GLU B 60 23.51 17.30 -16.32
CA GLU B 60 24.70 16.81 -15.65
C GLU B 60 25.55 17.95 -15.07
N GLU B 61 25.43 19.15 -15.64
CA GLU B 61 26.11 20.31 -15.09
C GLU B 61 25.57 20.67 -13.70
N LYS B 62 24.24 20.84 -13.60
CA LYS B 62 23.65 21.24 -12.32
C LYS B 62 23.90 20.19 -11.24
N LEU B 63 23.85 18.91 -11.62
CA LEU B 63 24.14 17.85 -10.67
C LEU B 63 25.54 17.95 -10.07
N GLU B 64 26.51 18.39 -10.88
CA GLU B 64 27.87 18.50 -10.38
C GLU B 64 28.01 19.65 -9.37
N GLN B 65 27.33 20.77 -9.63
CA GLN B 65 27.36 21.89 -8.68
C GLN B 65 26.82 21.49 -7.32
N VAL B 66 25.82 20.59 -7.30
CA VAL B 66 25.29 20.08 -6.05
C VAL B 66 26.32 19.21 -5.36
N LEU B 67 26.86 18.21 -6.08
CA LEU B 67 27.90 17.36 -5.51
C LEU B 67 29.08 18.18 -5.00
N SER B 68 29.44 19.25 -5.71
CA SER B 68 30.56 20.07 -5.30
C SER B 68 30.26 20.82 -4.02
N SER B 69 29.13 21.52 -3.97
CA SER B 69 28.74 22.16 -2.72
C SER B 69 28.47 21.12 -1.63
N MET B 70 28.03 19.92 -2.01
CA MET B 70 27.82 18.88 -1.00
C MET B 70 29.13 18.42 -0.39
N LYS B 71 30.19 18.31 -1.20
CA LYS B 71 31.50 17.97 -0.64
C LYS B 71 31.94 18.98 0.41
N GLU B 72 31.54 20.24 0.24
CA GLU B 72 31.91 21.34 1.12
C GLU B 72 30.97 21.49 2.30
N ASN B 73 29.66 21.32 2.09
CA ASN B 73 28.67 21.51 3.15
C ASN B 73 28.24 20.21 3.84
N LYS B 74 28.21 19.08 3.12
CA LYS B 74 27.92 17.75 3.65
C LYS B 74 26.51 17.60 4.23
N VAL B 75 25.63 18.57 4.00
CA VAL B 75 24.28 18.58 4.56
C VAL B 75 23.39 19.45 3.67
N ALA B 76 22.22 18.94 3.28
CA ALA B 76 21.30 19.72 2.45
C ALA B 76 19.88 19.61 2.98
N ILE B 77 19.03 20.54 2.53
CA ILE B 77 17.58 20.47 2.70
C ILE B 77 16.92 20.76 1.35
N ILE B 78 16.08 19.85 0.89
CA ILE B 78 15.58 19.90 -0.49
C ILE B 78 14.09 19.61 -0.55
N GLY B 79 13.42 20.26 -1.51
CA GLY B 79 12.07 19.91 -1.87
C GLY B 79 12.04 18.70 -2.80
N LYS B 80 10.87 18.46 -3.38
CA LYS B 80 10.75 17.36 -4.31
C LYS B 80 11.42 17.74 -5.63
N ILE B 81 12.12 16.77 -6.21
CA ILE B 81 12.85 16.97 -7.46
C ILE B 81 12.08 16.30 -8.60
N HIS B 82 11.52 17.10 -9.50
CA HIS B 82 10.69 16.58 -10.57
C HIS B 82 11.55 16.16 -11.74
N LEU B 91 18.11 6.90 -19.68
CA LEU B 91 18.58 7.59 -18.47
C LEU B 91 17.51 7.69 -17.37
N ALA B 92 17.96 7.69 -16.11
CA ALA B 92 17.07 7.71 -14.95
C ALA B 92 16.61 9.14 -14.64
N SER B 93 15.63 9.23 -13.73
CA SER B 93 15.03 10.50 -13.32
C SER B 93 16.04 11.38 -12.59
N TYR B 94 15.76 12.69 -12.57
CA TYR B 94 16.64 13.62 -11.85
C TYR B 94 16.81 13.23 -10.39
N ASP B 95 15.76 12.63 -9.79
CA ASP B 95 15.86 12.25 -8.38
C ASP B 95 16.81 11.06 -8.22
N MET B 96 16.62 10.01 -9.01
CA MET B 96 17.51 8.85 -8.94
C MET B 96 18.95 9.22 -9.28
N ARG B 97 19.14 10.20 -10.17
CA ARG B 97 20.49 10.61 -10.55
C ARG B 97 21.17 11.34 -9.42
N LEU B 98 20.47 12.30 -8.82
CA LEU B 98 21.00 12.97 -7.64
C LEU B 98 21.36 11.96 -6.56
N ARG B 99 20.45 11.02 -6.29
CA ARG B 99 20.64 10.07 -5.20
C ARG B 99 21.81 9.13 -5.44
N ARG B 100 22.04 8.74 -6.71
CA ARG B 100 23.25 8.01 -7.03
C ARG B 100 24.48 8.93 -6.98
N LYS B 101 24.39 10.12 -7.58
CA LYS B 101 25.53 11.05 -7.56
C LYS B 101 25.98 11.38 -6.14
N LEU B 102 25.04 11.44 -5.20
CA LEU B 102 25.34 11.68 -3.80
C LEU B 102 25.40 10.40 -2.96
N ASP B 103 25.08 9.25 -3.54
CA ASP B 103 25.03 7.98 -2.82
C ASP B 103 24.09 8.04 -1.62
N LEU B 104 22.88 8.53 -1.85
CA LEU B 104 21.87 8.60 -0.79
C LEU B 104 21.05 7.31 -0.82
N PHE B 105 21.70 6.23 -0.42
CA PHE B 105 21.09 4.91 -0.50
C PHE B 105 19.99 4.72 0.55
N ALA B 106 20.07 5.46 1.66
CA ALA B 106 19.18 5.26 2.80
C ALA B 106 18.26 6.45 2.97
N ASN B 107 16.97 6.17 3.13
CA ASN B 107 15.97 7.20 3.39
C ASN B 107 15.19 6.80 4.64
N VAL B 108 15.03 7.74 5.56
CA VAL B 108 14.42 7.48 6.86
C VAL B 108 13.23 8.43 7.00
N VAL B 109 12.05 7.88 7.27
CA VAL B 109 10.86 8.68 7.55
C VAL B 109 10.39 8.38 8.96
N HIS B 110 10.36 9.42 9.80
CA HIS B 110 9.86 9.34 11.18
C HIS B 110 8.34 9.56 11.18
N VAL B 111 7.59 8.48 11.41
CA VAL B 111 6.14 8.52 11.45
C VAL B 111 5.76 8.71 12.92
N LYS B 112 5.39 9.93 13.29
CA LYS B 112 5.13 10.24 14.69
C LYS B 112 3.93 11.16 14.82
N SER B 113 3.00 10.78 15.71
CA SER B 113 1.84 11.61 15.99
C SER B 113 2.25 12.97 16.55
N LEU B 114 1.47 13.98 16.22
CA LEU B 114 1.64 15.30 16.82
C LEU B 114 0.60 15.45 17.93
N PRO B 115 1.00 15.63 19.19
CA PRO B 115 0.05 15.50 20.31
C PRO B 115 -1.29 16.24 20.15
N GLY B 116 -1.32 17.44 19.61
CA GLY B 116 -2.66 18.00 19.55
C GLY B 116 -3.46 17.70 18.30
N TYR B 117 -2.81 17.12 17.29
CA TYR B 117 -3.38 16.96 15.96
C TYR B 117 -3.94 15.54 15.89
N MET B 118 -5.26 15.42 16.04
CA MET B 118 -5.86 14.12 16.30
C MET B 118 -6.25 13.43 14.99
N THR B 119 -5.95 12.14 14.92
CA THR B 119 -6.28 11.30 13.78
C THR B 119 -6.86 10.00 14.32
N ARG B 120 -7.10 9.01 13.45
CA ARG B 120 -7.55 7.69 13.87
C ARG B 120 -6.42 6.82 14.46
N HIS B 121 -5.19 7.31 14.52
CA HIS B 121 -4.09 6.52 15.07
C HIS B 121 -3.15 7.49 15.79
N ASN B 122 -3.41 7.73 17.06
CA ASN B 122 -2.58 8.66 17.81
C ASN B 122 -1.54 7.87 18.57
N ASN B 123 -0.57 8.61 19.11
CA ASN B 123 0.49 8.02 19.93
C ASN B 123 1.28 6.96 19.16
N LEU B 124 1.56 7.25 17.89
CA LEU B 124 2.22 6.32 16.99
C LEU B 124 3.63 6.81 16.71
N ASP B 125 4.57 5.87 16.70
CA ASP B 125 6.00 6.18 16.59
C ASP B 125 6.69 5.06 15.79
N LEU B 126 6.78 5.24 14.48
CA LEU B 126 7.42 4.28 13.59
C LEU B 126 8.55 4.94 12.81
N VAL B 127 9.50 4.12 12.39
CA VAL B 127 10.56 4.53 11.48
C VAL B 127 10.47 3.66 10.25
N ILE B 128 10.51 4.29 9.07
CA ILE B 128 10.48 3.60 7.79
C ILE B 128 11.81 3.83 7.09
N ILE B 129 12.53 2.74 6.86
CA ILE B 129 13.82 2.81 6.15
C ILE B 129 13.68 2.13 4.80
N ARG B 130 13.92 2.89 3.72
CA ARG B 130 13.81 2.36 2.36
C ARG B 130 15.11 2.55 1.61
N GLU B 131 15.48 1.51 0.85
CA GLU B 131 16.56 1.58 -0.12
C GLU B 131 16.14 2.42 -1.33
N GLN B 132 17.00 3.34 -1.77
CA GLN B 132 16.61 4.40 -2.70
C GLN B 132 17.47 4.46 -3.97
N THR B 133 18.23 3.41 -4.33
CA THR B 133 19.03 3.50 -5.53
C THR B 133 18.77 2.41 -6.56
N GLU B 134 17.89 1.46 -6.29
CA GLU B 134 17.63 0.40 -7.25
C GLU B 134 16.14 0.04 -7.28
N GLY B 135 15.84 -1.21 -7.55
CA GLY B 135 14.47 -1.63 -7.71
C GLY B 135 13.86 -1.18 -9.03
N GLU B 136 12.56 -0.83 -8.97
CA GLU B 136 11.79 -0.41 -10.12
C GLU B 136 12.08 1.04 -10.51
N TYR B 137 12.86 1.76 -9.72
CA TYR B 137 13.16 3.15 -9.98
C TYR B 137 14.35 3.32 -10.93
N SER B 138 14.74 2.25 -11.61
CA SER B 138 15.96 2.31 -12.42
C SER B 138 15.70 2.83 -13.83
N SER B 139 14.44 2.89 -14.27
CA SER B 139 14.07 3.30 -15.63
C SER B 139 14.60 2.32 -16.66
N LEU B 140 14.59 1.03 -16.31
CA LEU B 140 15.07 -0.04 -17.18
C LEU B 140 13.86 -0.69 -17.85
N GLU B 141 13.43 -0.11 -18.97
CA GLU B 141 12.26 -0.60 -19.68
C GLU B 141 12.54 -0.61 -21.18
N HIS B 142 11.82 -1.48 -21.89
CA HIS B 142 11.98 -1.58 -23.33
C HIS B 142 10.79 -2.33 -23.90
N GLU B 143 10.52 -2.07 -25.18
CA GLU B 143 9.44 -2.74 -25.87
C GLU B 143 9.95 -4.06 -26.43
N SER B 144 9.39 -5.14 -25.92
CA SER B 144 9.80 -6.49 -26.29
C SER B 144 9.10 -6.97 -27.55
N ALA B 145 7.93 -6.39 -27.85
CA ALA B 145 7.17 -6.59 -29.08
C ALA B 145 6.07 -5.54 -29.07
N ARG B 146 5.43 -5.37 -30.22
CA ARG B 146 4.34 -4.41 -30.33
C ARG B 146 3.34 -4.61 -29.18
N GLY B 147 3.34 -3.67 -28.25
CA GLY B 147 2.35 -3.70 -27.17
C GLY B 147 2.69 -4.59 -26.00
N VAL B 148 3.93 -5.00 -25.84
CA VAL B 148 4.35 -5.77 -24.66
C VAL B 148 5.61 -5.11 -24.15
N ILE B 149 5.52 -4.46 -22.99
CA ILE B 149 6.61 -3.71 -22.39
C ILE B 149 7.18 -4.54 -21.28
N GLU B 150 8.50 -4.56 -21.20
CA GLU B 150 9.24 -5.21 -20.13
C GLU B 150 9.91 -4.16 -19.27
N CYS B 151 9.92 -4.38 -17.95
CA CYS B 151 10.49 -3.42 -17.01
C CYS B 151 11.26 -4.18 -15.94
N LEU B 152 12.52 -3.80 -15.71
CA LEU B 152 13.40 -4.59 -14.86
C LEU B 152 13.54 -3.95 -13.49
N LYS B 153 13.14 -4.70 -12.46
CA LYS B 153 13.43 -4.32 -11.07
C LYS B 153 14.76 -4.97 -10.65
N ILE B 154 15.64 -4.16 -10.07
CA ILE B 154 17.01 -4.59 -9.77
C ILE B 154 17.17 -4.71 -8.27
N VAL B 155 17.70 -5.85 -7.82
CA VAL B 155 18.10 -6.04 -6.43
C VAL B 155 19.53 -6.58 -6.42
N THR B 156 20.40 -5.93 -5.69
CA THR B 156 21.78 -6.40 -5.60
C THR B 156 22.12 -6.72 -4.15
N ARG B 157 23.08 -7.64 -3.98
CA ARG B 157 23.51 -8.01 -2.64
C ARG B 157 24.13 -6.81 -1.92
N ALA B 158 24.92 -6.01 -2.63
CA ALA B 158 25.63 -4.91 -1.98
C ALA B 158 24.67 -3.89 -1.38
N LYS B 159 23.62 -3.50 -2.11
CA LYS B 159 22.69 -2.49 -1.62
C LYS B 159 21.72 -3.04 -0.58
N SER B 160 21.33 -4.31 -0.68
CA SER B 160 20.46 -4.90 0.32
C SER B 160 21.18 -5.03 1.66
N GLN B 161 22.43 -5.52 1.62
CA GLN B 161 23.28 -5.57 2.82
C GLN B 161 23.41 -4.19 3.46
N ARG B 162 23.71 -3.17 2.65
CA ARG B 162 23.99 -1.86 3.18
C ARG B 162 22.76 -1.25 3.84
N ILE B 163 21.59 -1.38 3.22
CA ILE B 163 20.39 -0.80 3.83
C ILE B 163 20.00 -1.59 5.06
N ALA B 164 20.34 -2.88 5.10
CA ALA B 164 20.05 -3.67 6.29
C ALA B 164 20.97 -3.32 7.45
N LYS B 165 22.26 -3.06 7.16
CA LYS B 165 23.14 -2.62 8.25
C LYS B 165 22.70 -1.25 8.76
N PHE B 166 22.33 -0.35 7.85
CA PHE B 166 21.87 0.97 8.25
C PHE B 166 20.69 0.87 9.21
N ALA B 167 19.68 0.08 8.84
CA ALA B 167 18.51 -0.07 9.70
C ALA B 167 18.90 -0.58 11.07
N PHE B 168 19.76 -1.59 11.14
CA PHE B 168 20.10 -2.17 12.43
C PHE B 168 21.00 -1.25 13.24
N ASP B 169 21.89 -0.50 12.59
CA ASP B 169 22.64 0.52 13.33
C ASP B 169 21.72 1.64 13.79
N TYR B 170 20.74 2.00 12.96
CA TYR B 170 19.75 2.97 13.40
C TYR B 170 19.04 2.47 14.66
N ALA B 171 18.43 1.28 14.59
CA ALA B 171 17.68 0.80 15.75
C ALA B 171 18.57 0.55 16.97
N THR B 172 19.86 0.26 16.75
CA THR B 172 20.80 0.18 17.86
C THR B 172 21.01 1.56 18.47
N LYS B 173 21.37 2.55 17.64
CA LYS B 173 21.68 3.89 18.13
C LYS B 173 20.51 4.52 18.88
N LYS B 174 19.33 4.51 18.26
CA LYS B 174 18.17 5.24 18.75
C LYS B 174 17.37 4.46 19.80
N GLY B 175 17.88 3.33 20.29
CA GLY B 175 17.20 2.57 21.33
C GLY B 175 15.92 1.87 20.92
N ARG B 176 15.84 1.37 19.69
CA ARG B 176 14.65 0.71 19.17
C ARG B 176 14.77 -0.80 19.31
N GLY B 177 13.62 -1.48 19.31
CA GLY B 177 13.58 -2.89 19.67
C GLY B 177 13.53 -3.86 18.51
N LYS B 178 12.69 -3.58 17.54
CA LYS B 178 12.38 -4.50 16.45
C LYS B 178 12.66 -3.84 15.12
N VAL B 179 13.14 -4.64 14.18
CA VAL B 179 13.30 -4.24 12.79
C VAL B 179 12.52 -5.25 11.96
N THR B 180 11.65 -4.75 11.08
CA THR B 180 10.80 -5.60 10.25
C THR B 180 11.18 -5.42 8.79
N ALA B 181 11.47 -6.54 8.12
CA ALA B 181 11.79 -6.54 6.70
C ALA B 181 10.54 -6.90 5.90
N VAL B 182 10.16 -6.00 5.00
CA VAL B 182 8.94 -6.11 4.21
C VAL B 182 9.31 -6.50 2.78
N HIS B 183 8.54 -7.39 2.18
CA HIS B 183 9.02 -8.04 0.96
C HIS B 183 7.86 -8.72 0.23
N LYS B 184 8.20 -9.28 -0.94
CA LYS B 184 7.29 -10.13 -1.69
C LYS B 184 8.08 -11.32 -2.26
N ALA B 185 8.88 -11.95 -1.40
CA ALA B 185 9.73 -13.07 -1.81
C ALA B 185 8.95 -14.34 -2.12
N ASN B 186 7.65 -14.39 -1.78
CA ASN B 186 6.86 -15.56 -2.16
C ASN B 186 6.51 -15.56 -3.63
N ILE B 187 6.71 -14.42 -4.28
CA ILE B 187 6.47 -14.26 -5.72
C ILE B 187 7.77 -13.98 -6.47
N MET B 188 8.54 -13.00 -6.01
CA MET B 188 9.85 -12.70 -6.60
C MET B 188 10.93 -13.39 -5.78
N LYS B 189 10.94 -14.73 -5.90
CA LYS B 189 11.76 -15.58 -5.04
C LYS B 189 13.25 -15.28 -5.18
N LEU B 190 13.71 -14.93 -6.39
CA LEU B 190 15.13 -14.62 -6.55
C LEU B 190 15.46 -13.24 -6.03
N GLY B 191 14.83 -12.21 -6.61
CA GLY B 191 15.16 -10.84 -6.29
C GLY B 191 14.78 -10.39 -4.89
N ASP B 192 13.48 -10.40 -4.58
CA ASP B 192 13.09 -10.10 -3.20
C ASP B 192 13.71 -11.11 -2.24
N GLY B 193 13.88 -12.36 -2.70
CA GLY B 193 14.52 -13.35 -1.86
C GLY B 193 15.91 -12.92 -1.45
N LEU B 194 16.67 -12.35 -2.39
CA LEU B 194 18.00 -11.91 -2.07
C LEU B 194 17.96 -10.70 -1.14
N PHE B 195 16.91 -9.91 -1.21
CA PHE B 195 16.78 -8.83 -0.24
C PHE B 195 16.57 -9.39 1.15
N LEU B 196 15.62 -10.32 1.30
CA LEU B 196 15.40 -10.99 2.58
C LEU B 196 16.69 -11.63 3.10
N GLN B 197 17.40 -12.34 2.22
CA GLN B 197 18.59 -13.09 2.61
C GLN B 197 19.61 -12.17 3.27
N CYS B 198 19.89 -11.02 2.66
CA CYS B 198 20.83 -10.10 3.26
C CYS B 198 20.32 -9.58 4.59
N CYS B 199 19.01 -9.33 4.69
CA CYS B 199 18.42 -8.94 5.96
C CYS B 199 18.60 -10.05 7.00
N GLU B 200 18.26 -11.29 6.65
CA GLU B 200 18.42 -12.38 7.59
C GLU B 200 19.88 -12.56 8.02
N GLU B 201 20.83 -12.30 7.11
CA GLU B 201 22.25 -12.41 7.48
C GLU B 201 22.62 -11.34 8.48
N VAL B 202 22.43 -10.07 8.12
CA VAL B 202 22.73 -8.94 8.99
C VAL B 202 22.05 -9.10 10.36
N ALA B 203 20.81 -9.57 10.38
CA ALA B 203 20.09 -9.65 11.64
C ALA B 203 20.86 -10.48 12.66
N GLU B 204 21.63 -11.48 12.21
CA GLU B 204 22.34 -12.34 13.16
C GLU B 204 23.45 -11.60 13.88
N LEU B 205 23.99 -10.55 13.30
CA LEU B 205 25.00 -9.75 13.96
C LEU B 205 24.43 -8.83 15.05
N TYR B 206 23.12 -8.66 15.13
CA TYR B 206 22.52 -7.72 16.08
C TYR B 206 21.54 -8.45 17.00
N PRO B 207 22.04 -9.40 17.80
CA PRO B 207 21.11 -10.30 18.52
C PRO B 207 20.22 -9.59 19.53
N LYS B 208 20.60 -8.39 19.98
CA LYS B 208 19.79 -7.63 20.93
C LYS B 208 18.65 -6.89 20.26
N ILE B 209 18.45 -7.11 18.97
CA ILE B 209 17.38 -6.48 18.18
C ILE B 209 16.48 -7.57 17.64
N LYS B 210 15.19 -7.49 17.94
CA LYS B 210 14.23 -8.43 17.39
C LYS B 210 14.18 -8.29 15.86
N PHE B 211 14.01 -9.40 15.16
CA PHE B 211 13.91 -9.36 13.70
C PHE B 211 12.69 -10.13 13.24
N GLU B 212 11.81 -9.45 12.51
CA GLU B 212 10.60 -10.06 11.98
C GLU B 212 10.53 -9.77 10.48
N THR B 213 9.86 -10.64 9.74
CA THR B 213 9.64 -10.43 8.32
C THR B 213 8.16 -10.48 8.03
N MET B 214 7.74 -9.82 6.96
CA MET B 214 6.31 -9.71 6.66
C MET B 214 6.10 -9.31 5.19
N ILE B 215 5.11 -9.93 4.56
CA ILE B 215 4.80 -9.68 3.16
C ILE B 215 4.10 -8.33 3.03
N ILE B 216 4.51 -7.54 2.03
CA ILE B 216 4.04 -6.17 1.87
C ILE B 216 2.51 -6.09 1.85
N ASP B 217 1.84 -7.00 1.13
CA ASP B 217 0.40 -7.21 1.22
C ASP B 217 -0.12 -7.04 2.65
N ASN B 218 0.26 -8.00 3.50
CA ASN B 218 -0.23 -8.04 4.89
C ASN B 218 0.27 -6.84 5.68
N CYS B 219 1.54 -6.47 5.49
CA CYS B 219 2.10 -5.35 6.24
C CYS B 219 1.26 -4.10 6.05
N CYS B 220 0.73 -3.91 4.84
CA CYS B 220 -0.11 -2.74 4.56
C CYS B 220 -1.45 -2.86 5.26
N MET B 221 -2.04 -4.05 5.27
CA MET B 221 -3.23 -4.27 6.09
C MET B 221 -2.90 -4.09 7.57
N GLN B 222 -1.75 -4.62 8.02
CA GLN B 222 -1.39 -4.51 9.42
C GLN B 222 -1.26 -3.06 9.83
N LEU B 223 -0.66 -2.24 8.96
CA LEU B 223 -0.46 -0.86 9.34
C LEU B 223 -1.78 -0.12 9.49
N VAL B 224 -2.85 -0.58 8.85
CA VAL B 224 -4.13 0.10 8.99
C VAL B 224 -4.90 -0.39 10.21
N GLN B 225 -4.81 -1.70 10.51
CA GLN B 225 -5.53 -2.27 11.63
C GLN B 225 -4.86 -1.94 12.96
N ASN B 226 -3.54 -2.08 13.02
CA ASN B 226 -2.78 -2.00 14.25
C ASN B 226 -1.32 -1.70 13.91
N PRO B 227 -1.01 -0.43 13.60
CA PRO B 227 0.38 -0.08 13.28
C PRO B 227 1.31 -0.12 14.48
N TYR B 228 0.77 -0.15 15.70
CA TYR B 228 1.58 -0.18 16.92
C TYR B 228 2.42 -1.44 17.05
N GLN B 229 2.05 -2.51 16.33
CA GLN B 229 2.85 -3.72 16.34
C GLN B 229 4.22 -3.53 15.70
N PHE B 230 4.48 -2.41 15.03
CA PHE B 230 5.73 -2.20 14.32
C PHE B 230 6.64 -1.25 15.08
N ASP B 231 7.86 -1.14 14.62
CA ASP B 231 8.85 -0.29 15.27
C ASP B 231 9.64 0.39 14.17
N VAL B 232 10.73 -0.25 13.76
CA VAL B 232 11.48 0.09 12.55
C VAL B 232 11.05 -0.86 11.45
N LEU B 233 10.87 -0.34 10.26
CA LEU B 233 10.68 -1.17 9.07
C LEU B 233 11.78 -0.86 8.05
N VAL B 234 12.27 -1.89 7.38
CA VAL B 234 13.23 -1.69 6.28
C VAL B 234 12.73 -2.48 5.09
N MET B 235 12.96 -1.94 3.88
CA MET B 235 12.34 -2.49 2.68
C MET B 235 13.04 -1.91 1.44
N PRO B 236 12.88 -2.56 0.25
CA PRO B 236 13.42 -1.96 -0.99
C PRO B 236 12.64 -0.73 -1.42
N ASN B 237 12.97 -0.18 -2.60
CA ASN B 237 12.47 1.13 -3.05
C ASN B 237 10.95 1.23 -3.12
N LEU B 238 10.32 0.48 -4.03
CA LEU B 238 8.89 0.70 -4.26
C LEU B 238 8.07 0.52 -2.99
N TYR B 239 8.40 -0.50 -2.20
CA TYR B 239 7.62 -0.71 -0.97
C TYR B 239 7.83 0.43 0.01
N GLY B 240 9.00 1.07 -0.01
CA GLY B 240 9.18 2.28 0.78
C GLY B 240 8.33 3.43 0.31
N ASN B 241 8.17 3.61 -1.00
CA ASN B 241 7.28 4.67 -1.48
C ASN B 241 5.85 4.44 -1.03
N ILE B 242 5.37 3.19 -1.08
CA ILE B 242 4.03 2.91 -0.58
C ILE B 242 3.93 3.16 0.92
N ILE B 243 4.79 2.50 1.71
CA ILE B 243 4.67 2.57 3.17
C ILE B 243 4.95 3.98 3.68
N ASP B 244 5.90 4.70 3.07
CA ASP B 244 6.09 6.11 3.43
C ASP B 244 4.76 6.86 3.43
N ASN B 245 4.00 6.70 2.34
CA ASN B 245 2.75 7.43 2.18
C ASN B 245 1.67 6.89 3.09
N LEU B 246 1.49 5.57 3.13
CA LEU B 246 0.49 4.99 4.01
C LEU B 246 0.69 5.47 5.44
N ALA B 247 1.90 5.24 5.97
CA ALA B 247 2.17 5.58 7.36
C ALA B 247 2.07 7.08 7.60
N ALA B 248 2.53 7.89 6.65
CA ALA B 248 2.36 9.34 6.81
C ALA B 248 0.88 9.69 6.95
N GLY B 249 0.02 9.10 6.14
CA GLY B 249 -1.39 9.38 6.28
C GLY B 249 -1.95 8.98 7.62
N LEU B 250 -1.32 8.02 8.30
CA LEU B 250 -1.84 7.64 9.61
C LEU B 250 -1.74 8.81 10.59
N VAL B 251 -0.61 9.51 10.56
CA VAL B 251 -0.32 10.51 11.57
C VAL B 251 -0.62 11.93 11.09
N GLY B 252 -1.41 12.09 10.03
CA GLY B 252 -1.78 13.43 9.59
C GLY B 252 -1.52 13.84 8.15
N GLY B 253 -0.68 13.13 7.40
CA GLY B 253 -0.55 13.39 5.98
C GLY B 253 0.70 14.18 5.62
N ALA B 254 0.83 14.46 4.33
CA ALA B 254 2.09 14.94 3.81
C ALA B 254 2.45 16.32 4.31
N GLY B 255 1.55 17.00 5.02
CA GLY B 255 1.88 18.29 5.56
C GLY B 255 2.76 18.25 6.78
N VAL B 256 2.79 17.12 7.50
CA VAL B 256 3.37 17.07 8.83
C VAL B 256 4.52 16.08 8.98
N VAL B 257 4.77 15.19 8.02
CA VAL B 257 5.67 14.06 8.22
C VAL B 257 7.02 14.35 7.56
N PRO B 258 8.12 14.29 8.29
CA PRO B 258 9.43 14.66 7.72
C PRO B 258 10.24 13.48 7.23
N GLY B 259 11.30 13.74 6.48
CA GLY B 259 12.22 12.70 6.07
C GLY B 259 13.64 13.21 5.89
N GLU B 260 14.57 12.26 5.77
CA GLU B 260 16.00 12.56 5.65
C GLU B 260 16.64 11.44 4.84
N SER B 261 17.68 11.78 4.10
CA SER B 261 18.36 10.77 3.31
C SER B 261 19.85 10.83 3.60
N TYR B 262 20.46 9.67 3.78
CA TYR B 262 21.85 9.57 4.20
C TYR B 262 22.72 8.92 3.14
N SER B 263 23.98 9.37 3.12
CA SER B 263 25.12 8.69 2.50
C SER B 263 26.08 8.35 3.62
N ALA B 264 27.30 7.92 3.26
CA ALA B 264 28.29 7.68 4.29
C ALA B 264 28.84 8.99 4.85
N GLU B 265 28.73 10.09 4.08
CA GLU B 265 29.20 11.39 4.52
C GLU B 265 28.20 12.52 4.30
N TYR B 266 27.05 12.27 3.66
CA TYR B 266 26.07 13.29 3.41
C TYR B 266 24.76 13.00 4.14
N ALA B 267 24.00 14.06 4.39
CA ALA B 267 22.68 13.97 4.99
C ALA B 267 21.83 15.07 4.36
N VAL B 268 20.77 14.70 3.64
CA VAL B 268 19.89 15.69 3.06
C VAL B 268 18.48 15.45 3.58
N PHE B 269 17.82 16.51 4.00
CA PHE B 269 16.56 16.43 4.72
C PHE B 269 15.43 16.90 3.81
N GLU B 270 14.28 16.27 3.96
CA GLU B 270 13.19 16.49 3.02
C GLU B 270 11.88 16.14 3.70
N THR B 271 10.81 16.03 2.93
CA THR B 271 9.54 15.60 3.48
C THR B 271 9.40 14.10 3.34
N GLY B 272 8.61 13.49 4.22
CA GLY B 272 8.47 12.05 4.31
C GLY B 272 7.65 11.43 3.20
N ALA B 273 6.51 12.03 2.85
CA ALA B 273 5.68 11.55 1.74
C ALA B 273 5.77 12.58 0.64
N ARG B 274 6.64 12.34 -0.33
CA ARG B 274 7.09 13.42 -1.18
C ARG B 274 6.08 13.66 -2.30
N HIS B 275 5.56 14.89 -2.36
CA HIS B 275 4.56 15.34 -3.28
C HIS B 275 4.71 16.83 -3.60
N PRO B 276 4.56 17.22 -4.88
CA PRO B 276 4.72 18.63 -5.23
C PRO B 276 3.56 19.52 -4.80
N PHE B 277 2.34 19.00 -4.75
CA PHE B 277 1.16 19.79 -4.37
C PHE B 277 0.97 20.93 -5.36
N ALA B 278 0.97 20.57 -6.66
CA ALA B 278 0.80 21.55 -7.72
C ALA B 278 -0.43 22.43 -7.49
N GLN B 279 -1.56 21.81 -7.09
CA GLN B 279 -2.79 22.57 -6.87
C GLN B 279 -2.55 23.82 -6.04
N ALA B 280 -1.79 23.71 -4.94
CA ALA B 280 -1.75 24.75 -3.92
C ALA B 280 -0.71 25.84 -4.18
N VAL B 281 0.13 25.70 -5.21
CA VAL B 281 1.16 26.72 -5.50
C VAL B 281 0.50 28.07 -5.76
N GLY B 282 0.98 29.10 -5.09
CA GLY B 282 0.42 30.42 -5.29
C GLY B 282 -0.83 30.72 -4.49
N ARG B 283 -1.31 29.76 -3.70
CA ARG B 283 -2.52 29.98 -2.91
C ARG B 283 -2.25 30.08 -1.42
N ASN B 284 -1.00 29.99 -1.00
CA ASN B 284 -0.64 30.16 0.41
C ASN B 284 -1.54 29.25 1.26
N ILE B 285 -1.42 27.94 0.98
CA ILE B 285 -2.35 26.94 1.50
C ILE B 285 -1.55 25.82 2.15
N ALA B 286 -0.32 25.62 1.70
CA ALA B 286 0.46 24.45 2.09
C ALA B 286 0.86 24.52 3.55
N ASN B 287 0.91 23.34 4.18
CA ASN B 287 1.36 23.22 5.56
C ASN B 287 2.88 23.03 5.59
N PRO B 288 3.64 23.88 6.27
CA PRO B 288 5.10 23.71 6.32
C PRO B 288 5.60 22.90 7.50
N THR B 289 4.70 22.21 8.22
CA THR B 289 5.12 21.47 9.39
C THR B 289 6.18 20.44 9.04
N ALA B 290 5.94 19.65 7.99
CA ALA B 290 6.88 18.62 7.62
C ALA B 290 8.26 19.22 7.35
N MET B 291 8.31 20.29 6.55
CA MET B 291 9.59 20.87 6.20
C MET B 291 10.24 21.51 7.41
N LEU B 292 9.44 22.11 8.29
CA LEU B 292 10.00 22.69 9.51
C LEU B 292 10.56 21.62 10.42
N LEU B 293 9.76 20.60 10.75
CA LEU B 293 10.28 19.53 11.57
C LEU B 293 11.54 18.96 10.95
N SER B 294 11.56 18.84 9.62
CA SER B 294 12.74 18.30 8.96
C SER B 294 13.94 19.20 9.20
N ALA B 295 13.76 20.51 8.97
CA ALA B 295 14.78 21.49 9.30
C ALA B 295 15.23 21.38 10.75
N SER B 296 14.33 21.02 11.67
CA SER B 296 14.73 20.84 13.06
C SER B 296 15.64 19.61 13.20
N ASN B 297 15.32 18.53 12.51
CA ASN B 297 16.21 17.37 12.56
C ASN B 297 17.54 17.68 11.88
N MET B 298 17.51 18.49 10.81
CA MET B 298 18.74 18.95 10.21
C MET B 298 19.61 19.66 11.24
N LEU B 299 19.01 20.54 12.04
CA LEU B 299 19.80 21.24 13.05
C LEU B 299 20.36 20.28 14.09
N ARG B 300 19.62 19.20 14.40
CA ARG B 300 20.17 18.21 15.33
C ARG B 300 21.40 17.56 14.73
N HIS B 301 21.35 17.23 13.44
CA HIS B 301 22.48 16.65 12.73
C HIS B 301 23.68 17.58 12.70
N LEU B 302 23.49 18.88 12.92
CA LEU B 302 24.56 19.87 12.87
C LEU B 302 25.09 20.26 14.26
N ASN B 303 24.66 19.56 15.32
CA ASN B 303 25.06 19.84 16.71
C ASN B 303 24.66 21.22 17.16
N LEU B 304 23.54 21.71 16.65
CA LEU B 304 22.85 22.87 17.23
C LEU B 304 21.58 22.41 17.94
N GLU B 305 21.81 21.53 18.92
CA GLU B 305 20.70 20.88 19.61
C GLU B 305 19.75 21.91 20.20
N TYR B 306 20.28 23.02 20.72
CA TYR B 306 19.40 23.99 21.37
C TYR B 306 18.43 24.60 20.37
N HIS B 307 18.94 24.99 19.20
CA HIS B 307 18.07 25.49 18.13
C HIS B 307 17.12 24.41 17.61
N SER B 308 17.61 23.16 17.49
CA SER B 308 16.76 22.10 16.98
C SER B 308 15.57 21.90 17.89
N SER B 309 15.81 21.69 19.18
CA SER B 309 14.68 21.43 20.07
C SER B 309 13.78 22.64 20.26
N MET B 310 14.29 23.87 20.03
CA MET B 310 13.45 25.05 20.17
C MET B 310 12.44 25.13 19.03
N ILE B 311 12.91 25.04 17.79
CA ILE B 311 12.02 25.11 16.64
C ILE B 311 10.98 23.98 16.68
N ALA B 312 11.43 22.78 16.99
CA ALA B 312 10.52 21.64 17.01
C ALA B 312 9.49 21.80 18.11
N ASP B 313 9.92 22.28 19.28
CA ASP B 313 8.98 22.51 20.38
C ASP B 313 7.98 23.60 20.04
N ALA B 314 8.41 24.62 19.29
CA ALA B 314 7.50 25.70 18.95
C ALA B 314 6.48 25.24 17.92
N VAL B 315 6.93 24.55 16.86
CA VAL B 315 6.02 23.94 15.91
C VAL B 315 5.00 23.09 16.66
N LYS B 316 5.48 22.19 17.53
CA LYS B 316 4.58 21.24 18.17
C LYS B 316 3.57 21.91 19.10
N LYS B 317 3.96 23.04 19.72
CA LYS B 317 3.07 23.71 20.67
C LYS B 317 1.99 24.53 19.95
N VAL B 318 2.34 25.15 18.82
CA VAL B 318 1.33 25.89 18.06
C VAL B 318 0.24 24.96 17.55
N ILE B 319 0.62 23.72 17.23
CA ILE B 319 -0.38 22.75 16.79
C ILE B 319 -1.21 22.28 17.97
N LYS B 320 -0.56 21.91 19.07
CA LYS B 320 -1.31 21.43 20.24
C LYS B 320 -2.33 22.46 20.69
N VAL B 321 -1.96 23.75 20.69
CA VAL B 321 -2.82 24.76 21.27
C VAL B 321 -4.09 24.91 20.47
N GLY B 322 -3.98 24.91 19.14
CA GLY B 322 -5.13 24.79 18.27
C GLY B 322 -5.63 26.08 17.67
N LYS B 323 -5.06 27.23 18.04
CA LYS B 323 -5.53 28.50 17.50
C LYS B 323 -5.29 28.57 16.01
N VAL B 324 -4.04 28.43 15.58
CA VAL B 324 -3.67 28.63 14.19
C VAL B 324 -3.33 27.28 13.56
N ARG B 325 -4.07 26.92 12.51
CA ARG B 325 -3.93 25.61 11.88
C ARG B 325 -4.34 25.72 10.41
N THR B 326 -3.57 25.05 9.54
CA THR B 326 -3.83 25.04 8.12
C THR B 326 -5.00 24.12 7.76
N SER B 327 -5.39 24.13 6.49
CA SER B 327 -6.57 23.37 6.04
C SER B 327 -6.42 21.88 6.32
N ASP B 328 -5.26 21.30 6.02
CA ASP B 328 -5.06 19.87 6.22
C ASP B 328 -5.26 19.45 7.67
N MET B 329 -5.19 20.38 8.61
CA MET B 329 -5.31 20.08 10.04
C MET B 329 -6.58 20.65 10.65
N GLY B 330 -7.63 20.81 9.85
CA GLY B 330 -8.92 21.22 10.37
C GLY B 330 -9.13 22.71 10.54
N GLY B 331 -8.11 23.55 10.28
CA GLY B 331 -8.21 24.97 10.49
C GLY B 331 -8.42 25.75 9.20
N TYR B 332 -8.27 27.08 9.32
CA TYR B 332 -8.60 28.03 8.26
C TYR B 332 -7.40 28.87 7.87
N ALA B 333 -6.26 28.66 8.52
CA ALA B 333 -5.12 29.56 8.44
C ALA B 333 -4.35 29.40 7.14
N THR B 334 -3.75 30.49 6.69
CA THR B 334 -2.85 30.39 5.55
C THR B 334 -1.46 29.92 5.99
N CYS B 335 -0.70 29.43 5.01
CA CYS B 335 0.67 29.01 5.25
C CYS B 335 1.48 30.12 5.89
N HIS B 336 1.22 31.37 5.50
CA HIS B 336 1.96 32.47 6.07
C HIS B 336 1.49 32.77 7.49
N ASP B 337 0.18 32.74 7.73
CA ASP B 337 -0.33 32.90 9.09
C ASP B 337 0.31 31.88 10.03
N PHE B 338 0.28 30.60 9.63
CA PHE B 338 0.83 29.54 10.47
C PHE B 338 2.32 29.74 10.70
N THR B 339 3.06 30.12 9.65
CA THR B 339 4.49 30.32 9.79
C THR B 339 4.81 31.41 10.82
N GLU B 340 4.13 32.55 10.74
CA GLU B 340 4.45 33.64 11.66
C GLU B 340 4.04 33.29 13.09
N GLU B 341 2.99 32.48 13.28
CA GLU B 341 2.68 32.03 14.63
C GLU B 341 3.83 31.25 15.24
N ILE B 342 4.54 30.48 14.42
CA ILE B 342 5.75 29.78 14.87
C ILE B 342 6.83 30.79 15.19
N CYS B 343 7.06 31.76 14.30
CA CYS B 343 8.13 32.73 14.49
C CYS B 343 7.95 33.52 15.77
N ARG B 344 6.73 34.00 16.04
CA ARG B 344 6.55 34.76 17.27
C ARG B 344 6.74 33.88 18.48
N ARG B 345 6.38 32.59 18.38
CA ARG B 345 6.60 31.69 19.51
C ARG B 345 8.09 31.40 19.71
N VAL B 346 8.87 31.25 18.64
CA VAL B 346 10.29 31.00 18.84
C VAL B 346 10.96 32.26 19.40
N LYS B 347 10.63 33.43 18.85
CA LYS B 347 11.20 34.67 19.38
C LYS B 347 10.85 34.83 20.86
N ASP B 348 9.69 34.32 21.29
CA ASP B 348 9.26 34.26 22.68
C ASP B 348 10.02 33.27 23.48
N LEU B 349 11.12 32.75 22.99
CA LEU B 349 11.95 31.86 23.79
C LEU B 349 13.37 32.39 23.94
N ASP B 350 13.91 33.02 22.90
CA ASP B 350 15.17 33.74 23.02
C ASP B 350 14.97 35.12 23.68
MG MG C . -3.09 -10.05 -1.47
PB ADP D . 0.29 13.58 -6.75
O1B ADP D . -0.91 12.88 -6.23
O2B ADP D . 0.12 14.02 -8.20
O3B ADP D . 1.61 12.93 -6.38
PA ADP D . -0.35 15.77 -4.94
O1A ADP D . -1.74 16.02 -5.49
O2A ADP D . 0.62 16.89 -4.64
O3A ADP D . 0.51 15.00 -6.05
O5' ADP D . -0.49 14.82 -3.66
C5' ADP D . -0.10 15.36 -2.41
C4' ADP D . -1.31 15.52 -1.52
O4' ADP D . -0.80 15.56 -0.19
C3' ADP D . -2.03 16.83 -1.77
O3' ADP D . -3.27 16.63 -2.46
C2' ADP D . -2.27 17.40 -0.37
O2' ADP D . -3.57 17.03 0.10
C1' ADP D . -1.26 16.69 0.52
N9 ADP D . -0.08 17.55 0.71
C8 ADP D . 1.11 17.42 0.09
N7 ADP D . 1.98 18.37 0.52
C5 ADP D . 1.34 19.10 1.43
C6 ADP D . 1.69 20.26 2.27
N6 ADP D . 2.94 20.81 2.20
N1 ADP D . 0.72 20.74 3.09
C2 ADP D . -0.51 20.17 3.15
N3 ADP D . -0.90 19.11 2.42
C4 ADP D . -0.01 18.56 1.56
#